data_4FN5
#
_entry.id   4FN5
#
_cell.length_a   125.780
_cell.length_b   88.100
_cell.length_c   74.320
_cell.angle_alpha   90.00
_cell.angle_beta   107.91
_cell.angle_gamma   90.00
#
_symmetry.space_group_name_H-M   'C 1 2 1'
#
loop_
_entity.id
_entity.type
_entity.pdbx_description
1 polymer 'Elongation factor G 1'
2 polymer 'Argyrin B'
3 water water
#
loop_
_entity_poly.entity_id
_entity_poly.type
_entity_poly.pdbx_seq_one_letter_code
_entity_poly.pdbx_strand_id
1 'polypeptide(L)'
;GSHMARTTPINRYRNIGICAHVDAGKTTTTERVLFYTGVNHKLGEVHDGAATTDWMVQEQERGITITSAAVTTFWKGSRG
QYDNYRVNVIDTPGHVDFTIEVERSLRVLDGAVVVFCGTSGVEPQSETVWRQANKYGVPRIVYVNKMDRQGANFLRVVEQ
IKKRLGHTPVPVQLAIGAEENFVGQVDLIKMKAIYWNDDDKGMTYREEEIPAELKDLAEEWRSSMVEAAAEANEELMNKY
LEEGELSEAEIKEGLRLRTLACEIVPAVCGSSFKNKGVPLVLDAVIDYLPAPTEIPAIKGVSPDDETVEDERHADDNEPF
SSLAFKIATDPFVGTLTFARVYSGVLSSGDSVLNSVKGKKERVGRMVQMHANQREEIKEVRAGDIAALIGMKDVTTGDTL
CSIEKPIILERMDFPEPVISVAVEPKTKADQEKMGIALGKLAQEDPSFRVKTDEESGQTIISGMGELHLDIIVDRMKREF
GVEANIGKPQVAYRETITKDNVEIEGKFVRQSGGRGQFGHCWIRFSAADVDEKGNITEGLVFENEVVGGVVPKEYIPAIQ
KGIEEQMKNGVVAGYPLIGLKATVFDGSYHDVDSNEMAFKIAASMATKQLAQKGGGKVLEPIMKVEVVTPEDYMGDVMGD
LNRRRGLIQGMEDTVSGKVIRAEVPLGEMFGYATDVRSMSQGRASYSMEFSKYAEAPSNIVEALVKKQG
;
A
2 'polypeptide(L)' (DAL)(BB9)W(0UO)G(DBB)(DHA)(SAR) B
#
loop_
_chem_comp.id
_chem_comp.type
_chem_comp.name
_chem_comp.formula
0UO peptide-like 4-methoxy-L-tryptophan 'C12 H14 N2 O3'
#
# COMPACT_ATOMS: atom_id res chain seq x y z
N ARG A 6 17.31 18.80 -31.86
CA ARG A 6 16.75 19.09 -30.53
C ARG A 6 16.03 20.44 -30.51
N THR A 7 15.80 21.01 -29.32
CA THR A 7 15.09 22.27 -29.04
C THR A 7 15.75 22.88 -27.81
N THR A 8 15.29 22.44 -26.61
CA THR A 8 15.74 22.84 -25.27
C THR A 8 16.75 21.78 -24.77
N PRO A 9 17.89 22.19 -24.14
CA PRO A 9 18.85 21.17 -23.67
C PRO A 9 18.35 20.42 -22.43
N ILE A 10 18.66 19.11 -22.33
CA ILE A 10 18.27 18.23 -21.21
C ILE A 10 18.44 18.90 -19.84
N ASN A 11 19.60 19.51 -19.57
CA ASN A 11 19.92 20.20 -18.32
C ASN A 11 18.91 21.30 -17.92
N ARG A 12 18.08 21.75 -18.89
CA ARG A 12 17.07 22.77 -18.70
C ARG A 12 15.69 22.17 -18.42
N TYR A 13 15.62 20.82 -18.39
CA TYR A 13 14.38 20.09 -18.11
C TYR A 13 14.21 19.75 -16.62
N ARG A 14 12.95 19.75 -16.12
CA ARG A 14 12.59 19.40 -14.75
C ARG A 14 11.33 18.51 -14.71
N ASN A 15 11.50 17.18 -14.65
CA ASN A 15 10.34 16.28 -14.54
C ASN A 15 9.99 16.11 -13.06
N ILE A 16 8.99 16.88 -12.61
CA ILE A 16 8.61 16.91 -11.19
C ILE A 16 7.22 16.35 -10.92
N GLY A 17 6.98 15.96 -9.67
CA GLY A 17 5.68 15.49 -9.21
C GLY A 17 5.20 16.24 -7.98
N ILE A 18 3.96 16.72 -7.97
CA ILE A 18 3.50 17.44 -6.78
C ILE A 18 2.88 16.42 -5.81
N CYS A 19 3.70 15.83 -4.92
CA CYS A 19 3.25 14.85 -3.91
C CYS A 19 2.61 15.58 -2.73
N ALA A 20 1.30 15.40 -2.59
CA ALA A 20 0.45 16.02 -1.57
C ALA A 20 -0.69 15.03 -1.33
N HIS A 21 -1.14 14.86 -0.08
CA HIS A 21 -2.17 13.85 0.10
C HIS A 21 -3.51 14.21 0.69
N VAL A 22 -3.53 14.46 1.99
CA VAL A 22 -4.78 14.68 2.72
C VAL A 22 -5.22 16.16 2.87
N ASP A 23 -4.57 16.88 3.77
CA ASP A 23 -4.86 18.26 4.13
C ASP A 23 -3.78 19.15 3.48
N ALA A 24 -3.21 18.70 2.35
CA ALA A 24 -2.09 19.38 1.71
C ALA A 24 -2.41 20.50 0.73
N GLY A 25 -3.48 20.31 -0.04
CA GLY A 25 -3.96 21.25 -1.06
C GLY A 25 -3.20 21.14 -2.36
N LYS A 26 -3.11 19.92 -2.89
CA LYS A 26 -2.42 19.57 -4.15
C LYS A 26 -3.10 20.24 -5.32
N THR A 27 -4.45 20.24 -5.32
CA THR A 27 -5.30 20.78 -6.38
C THR A 27 -5.07 22.26 -6.63
N THR A 28 -4.94 23.05 -5.54
CA THR A 28 -4.70 24.48 -5.58
C THR A 28 -3.28 24.75 -6.03
N THR A 29 -2.30 24.08 -5.41
CA THR A 29 -0.86 24.18 -5.71
C THR A 29 -0.56 23.91 -7.21
N THR A 30 -1.27 22.96 -7.84
CA THR A 30 -1.14 22.67 -9.28
C THR A 30 -1.69 23.85 -10.12
N GLU A 31 -3.00 24.24 -9.94
CA GLU A 31 -3.63 25.37 -10.63
C GLU A 31 -2.73 26.62 -10.53
N ARG A 32 -2.14 26.86 -9.34
CA ARG A 32 -1.23 27.97 -9.07
C ARG A 32 0.04 27.85 -9.90
N VAL A 33 0.71 26.68 -9.84
CA VAL A 33 1.93 26.43 -10.60
C VAL A 33 1.70 26.79 -12.07
N LEU A 34 0.60 26.27 -12.67
CA LEU A 34 0.25 26.56 -14.05
C LEU A 34 -0.03 28.04 -14.29
N PHE A 35 -0.73 28.68 -13.34
CA PHE A 35 -1.05 30.09 -13.42
C PHE A 35 0.23 30.93 -13.49
N TYR A 36 1.05 30.92 -12.41
CA TYR A 36 2.30 31.66 -12.33
C TYR A 36 3.22 31.42 -13.51
N THR A 37 3.40 30.12 -13.91
CA THR A 37 4.24 29.75 -15.05
C THR A 37 3.68 30.28 -16.36
N GLY A 38 2.36 30.15 -16.56
CA GLY A 38 1.65 30.64 -17.74
C GLY A 38 1.84 32.12 -18.01
N VAL A 39 1.71 32.94 -16.94
CA VAL A 39 1.89 34.39 -16.96
C VAL A 39 3.39 34.69 -17.14
N ASN A 40 4.22 34.35 -16.13
CA ASN A 40 5.67 34.54 -16.14
C ASN A 40 6.27 34.31 -17.54
N HIS A 41 5.94 33.16 -18.18
CA HIS A 41 6.40 32.81 -19.51
C HIS A 41 6.01 33.84 -20.59
N LYS A 42 4.73 34.28 -20.60
CA LYS A 42 4.19 35.25 -21.56
C LYS A 42 4.97 36.57 -21.64
N LEU A 43 5.52 37.03 -20.50
CA LEU A 43 6.33 38.25 -20.42
C LEU A 43 7.66 38.11 -21.18
N SER A 68 -4.94 18.08 -17.07
CA SER A 68 -4.31 16.97 -17.80
C SER A 68 -3.26 16.20 -16.99
N ALA A 69 -2.94 14.94 -17.42
CA ALA A 69 -1.98 14.04 -16.75
C ALA A 69 -0.58 14.60 -16.55
N ALA A 70 -0.05 15.30 -17.56
CA ALA A 70 1.26 15.95 -17.57
C ALA A 70 1.08 17.37 -18.11
N VAL A 71 1.61 18.37 -17.42
CA VAL A 71 1.45 19.74 -17.89
C VAL A 71 2.81 20.41 -18.24
N THR A 72 3.17 20.44 -19.57
CA THR A 72 4.42 21.07 -20.01
C THR A 72 4.34 22.59 -19.84
N THR A 73 5.13 23.12 -18.86
CA THR A 73 5.24 24.56 -18.56
C THR A 73 6.66 25.06 -18.66
N PHE A 74 6.86 26.37 -18.47
CA PHE A 74 8.17 27.03 -18.52
C PHE A 74 8.34 27.96 -17.35
N TRP A 75 9.56 28.03 -16.84
CA TRP A 75 9.89 28.90 -15.73
C TRP A 75 11.28 29.54 -15.95
N LYS A 76 11.28 30.89 -16.02
CA LYS A 76 12.46 31.75 -16.21
C LYS A 76 13.01 32.21 -14.88
N GLY A 77 12.20 32.15 -13.84
CA GLY A 77 12.55 32.57 -12.50
C GLY A 77 11.49 33.45 -11.90
N SER A 78 11.40 33.47 -10.55
CA SER A 78 10.44 34.27 -9.76
C SER A 78 10.64 35.76 -10.02
N ARG A 79 11.91 36.16 -10.26
CA ARG A 79 12.35 37.50 -10.66
C ARG A 79 13.18 37.39 -11.97
N GLY A 80 12.76 36.47 -12.85
CA GLY A 80 13.35 36.17 -14.15
C GLY A 80 14.83 35.91 -14.14
N GLN A 81 15.36 35.52 -12.96
CA GLN A 81 16.77 35.29 -12.63
C GLN A 81 17.51 34.10 -13.29
N TYR A 82 16.79 33.08 -13.76
CA TYR A 82 17.41 31.91 -14.36
C TYR A 82 17.15 31.94 -15.84
N ASP A 83 17.61 30.87 -16.51
CA ASP A 83 17.43 30.59 -17.92
C ASP A 83 16.01 30.01 -18.03
N ASN A 84 15.49 29.84 -19.26
CA ASN A 84 14.14 29.27 -19.44
C ASN A 84 14.24 27.74 -19.28
N TYR A 85 13.47 27.22 -18.29
CA TYR A 85 13.42 25.78 -18.01
C TYR A 85 12.05 25.23 -18.33
N ARG A 86 12.02 23.95 -18.80
CA ARG A 86 10.81 23.14 -19.10
C ARG A 86 10.50 22.26 -17.86
N VAL A 87 9.53 22.70 -17.03
CA VAL A 87 9.10 22.03 -15.79
C VAL A 87 7.89 21.16 -16.12
N ASN A 88 8.07 19.85 -16.13
CA ASN A 88 7.00 18.92 -16.51
C ASN A 88 6.23 18.41 -15.29
N VAL A 89 5.19 19.18 -14.89
CA VAL A 89 4.27 18.92 -13.76
C VAL A 89 3.54 17.60 -14.04
N ILE A 90 3.83 16.60 -13.20
CA ILE A 90 3.24 15.25 -13.28
C ILE A 90 2.15 15.06 -12.20
N ASP A 91 1.04 14.41 -12.60
CA ASP A 91 -0.06 14.07 -11.71
C ASP A 91 0.32 12.82 -10.94
N THR A 92 0.34 12.97 -9.61
CA THR A 92 0.60 11.96 -8.60
C THR A 92 -0.75 11.63 -7.94
N PRO A 93 -1.02 10.35 -7.59
CA PRO A 93 -2.34 10.02 -7.02
C PRO A 93 -2.59 10.59 -5.63
N GLY A 94 -3.84 11.01 -5.39
CA GLY A 94 -4.29 11.59 -4.13
C GLY A 94 -4.74 10.60 -3.05
N HIS A 95 -4.51 9.27 -3.28
CA HIS A 95 -4.87 8.19 -2.35
C HIS A 95 -3.82 7.09 -2.36
N VAL A 96 -3.30 6.77 -1.17
CA VAL A 96 -2.26 5.74 -0.99
C VAL A 96 -2.71 4.30 -1.27
N ASP A 97 -4.02 4.10 -1.44
CA ASP A 97 -4.61 2.80 -1.75
C ASP A 97 -4.30 2.37 -3.20
N PHE A 98 -3.91 3.33 -4.08
CA PHE A 98 -3.51 3.08 -5.47
C PHE A 98 -2.01 2.99 -5.42
N THR A 99 -1.48 1.90 -4.85
CA THR A 99 -0.04 1.74 -4.67
C THR A 99 0.73 1.67 -5.94
N ILE A 100 0.19 1.01 -6.95
CA ILE A 100 0.87 0.83 -8.23
C ILE A 100 0.98 2.15 -9.00
N GLU A 101 -0.11 2.94 -9.00
CA GLU A 101 -0.19 4.24 -9.63
C GLU A 101 0.80 5.17 -8.97
N VAL A 102 0.90 5.11 -7.63
CA VAL A 102 1.81 5.94 -6.85
C VAL A 102 3.29 5.55 -6.99
N GLU A 103 3.58 4.23 -7.08
CA GLU A 103 4.94 3.73 -7.32
C GLU A 103 5.42 4.12 -8.75
N ARG A 104 4.49 4.08 -9.74
CA ARG A 104 4.80 4.43 -11.13
C ARG A 104 5.08 5.93 -11.27
N SER A 105 4.18 6.78 -10.71
CA SER A 105 4.36 8.24 -10.77
C SER A 105 5.75 8.62 -10.25
N LEU A 106 6.30 7.86 -9.26
CA LEU A 106 7.65 8.08 -8.70
C LEU A 106 8.77 7.76 -9.70
N ARG A 107 8.46 7.03 -10.79
CA ARG A 107 9.44 6.69 -11.82
C ARG A 107 9.35 7.68 -13.00
N VAL A 108 8.15 8.20 -13.24
CA VAL A 108 7.84 9.20 -14.27
C VAL A 108 8.45 10.58 -13.91
N LEU A 109 8.56 10.89 -12.62
CA LEU A 109 9.17 12.14 -12.18
C LEU A 109 10.64 11.90 -11.87
N ASP A 110 11.46 12.98 -11.84
CA ASP A 110 12.89 12.90 -11.47
C ASP A 110 13.07 13.41 -10.04
N GLY A 111 12.32 14.43 -9.69
CA GLY A 111 12.37 15.03 -8.35
C GLY A 111 10.96 15.28 -7.84
N ALA A 112 10.84 15.40 -6.51
CA ALA A 112 9.55 15.59 -5.86
C ALA A 112 9.41 16.86 -5.07
N VAL A 113 8.22 17.42 -5.16
CA VAL A 113 7.79 18.61 -4.43
C VAL A 113 6.75 18.03 -3.43
N VAL A 114 7.23 17.70 -2.24
CA VAL A 114 6.35 17.04 -1.28
C VAL A 114 5.60 18.03 -0.35
N VAL A 115 4.29 18.20 -0.58
CA VAL A 115 3.44 19.16 0.12
C VAL A 115 2.85 18.66 1.43
N PHE A 116 2.98 19.49 2.49
CA PHE A 116 2.45 19.26 3.83
C PHE A 116 1.59 20.42 4.26
N CYS A 117 0.81 20.23 5.29
CA CYS A 117 -0.07 21.25 5.80
C CYS A 117 0.58 21.75 7.07
N GLY A 118 0.70 23.07 7.22
CA GLY A 118 1.31 23.68 8.40
C GLY A 118 0.77 23.17 9.71
N THR A 119 -0.52 22.78 9.69
CA THR A 119 -1.33 22.24 10.77
C THR A 119 -1.03 20.74 10.90
N SER A 120 -1.77 19.90 10.15
CA SER A 120 -1.64 18.44 10.12
C SER A 120 -0.17 17.91 10.15
N GLY A 121 0.65 18.42 9.25
CA GLY A 121 2.06 18.03 9.13
C GLY A 121 2.24 16.63 8.60
N VAL A 122 3.08 15.86 9.29
CA VAL A 122 3.41 14.48 8.92
C VAL A 122 2.33 13.49 9.37
N GLU A 123 1.43 13.18 8.42
CA GLU A 123 0.29 12.29 8.52
C GLU A 123 0.70 10.87 8.13
N PRO A 124 -0.08 9.80 8.49
CA PRO A 124 0.29 8.44 8.04
C PRO A 124 0.25 8.30 6.51
N GLN A 125 -0.71 9.00 5.83
CA GLN A 125 -0.87 8.97 4.35
C GLN A 125 0.43 9.41 3.64
N SER A 126 0.98 10.60 4.01
CA SER A 126 2.24 11.13 3.46
C SER A 126 3.51 10.28 3.80
N GLU A 127 3.55 9.60 4.98
CA GLU A 127 4.66 8.76 5.43
C GLU A 127 4.97 7.61 4.44
N THR A 128 3.91 7.00 3.87
CA THR A 128 3.99 5.85 2.96
C THR A 128 4.64 6.16 1.60
N VAL A 129 4.27 7.31 0.98
CA VAL A 129 4.76 7.83 -0.31
C VAL A 129 6.24 8.18 -0.16
N TRP A 130 6.60 8.82 0.98
CA TRP A 130 7.96 9.18 1.35
C TRP A 130 8.80 7.92 1.48
N ARG A 131 8.24 6.80 2.01
CA ARG A 131 8.97 5.52 2.17
C ARG A 131 9.23 4.83 0.79
N GLN A 132 8.27 4.87 -0.12
CA GLN A 132 8.42 4.31 -1.47
C GLN A 132 9.35 5.21 -2.25
N ALA A 133 9.36 6.54 -1.94
CA ALA A 133 10.22 7.52 -2.59
C ALA A 133 11.68 7.17 -2.26
N ASN A 134 11.96 6.86 -0.98
CA ASN A 134 13.26 6.40 -0.52
C ASN A 134 13.66 5.15 -1.31
N LYS A 135 12.69 4.22 -1.54
CA LYS A 135 12.84 2.99 -2.33
C LYS A 135 13.37 3.33 -3.75
N TYR A 136 12.89 4.42 -4.38
CA TYR A 136 13.38 4.85 -5.71
C TYR A 136 14.47 5.94 -5.66
N GLY A 137 14.68 6.49 -4.46
CA GLY A 137 15.67 7.51 -4.17
C GLY A 137 15.37 8.77 -4.92
N VAL A 138 14.22 9.36 -4.63
CA VAL A 138 13.75 10.56 -5.30
C VAL A 138 14.21 11.82 -4.57
N PRO A 139 15.10 12.65 -5.17
CA PRO A 139 15.48 13.92 -4.52
C PRO A 139 14.22 14.76 -4.27
N ARG A 140 14.10 15.32 -3.09
CA ARG A 140 12.91 16.09 -2.74
C ARG A 140 13.24 17.46 -2.18
N ILE A 141 12.23 18.32 -2.25
CA ILE A 141 12.14 19.63 -1.63
C ILE A 141 10.81 19.57 -0.90
N VAL A 142 10.57 20.44 0.08
CA VAL A 142 9.31 20.38 0.84
C VAL A 142 8.53 21.67 0.70
N TYR A 143 7.22 21.56 0.57
CA TYR A 143 6.36 22.74 0.54
C TYR A 143 5.41 22.63 1.74
N VAL A 144 5.49 23.59 2.67
CA VAL A 144 4.60 23.53 3.82
C VAL A 144 3.53 24.54 3.59
N ASN A 145 2.52 24.12 2.79
CA ASN A 145 1.37 24.92 2.40
C ASN A 145 0.40 25.14 3.55
N LYS A 146 -0.58 26.07 3.34
CA LYS A 146 -1.69 26.42 4.24
C LYS A 146 -1.15 27.05 5.53
N MET A 147 -0.22 28.02 5.42
CA MET A 147 0.34 28.67 6.62
C MET A 147 -0.65 29.66 7.20
N ASP A 148 -1.70 29.95 6.40
CA ASP A 148 -2.82 30.85 6.68
C ASP A 148 -3.85 30.20 7.63
N ARG A 149 -4.06 28.88 7.49
CA ARG A 149 -5.01 28.12 8.28
C ARG A 149 -4.55 28.01 9.76
N GLN A 150 -5.54 27.95 10.68
CA GLN A 150 -5.40 27.89 12.14
C GLN A 150 -4.49 26.75 12.60
N GLY A 151 -3.56 27.05 13.52
CA GLY A 151 -2.63 26.10 14.11
C GLY A 151 -1.42 25.70 13.28
N ALA A 152 -1.19 26.42 12.16
CA ALA A 152 -0.07 26.16 11.25
C ALA A 152 1.26 26.75 11.71
N ASN A 153 2.26 25.87 11.90
CA ASN A 153 3.63 26.25 12.26
C ASN A 153 4.60 25.41 11.44
N PHE A 154 5.39 26.10 10.57
CA PHE A 154 6.37 25.55 9.64
C PHE A 154 7.42 24.67 10.32
N LEU A 155 8.18 25.24 11.27
CA LEU A 155 9.22 24.51 11.99
C LEU A 155 8.73 23.27 12.71
N ARG A 156 7.49 23.27 13.27
CA ARG A 156 6.98 22.05 13.91
C ARG A 156 7.01 20.87 12.89
N VAL A 157 6.51 21.12 11.64
CA VAL A 157 6.49 20.16 10.55
C VAL A 157 7.94 19.75 10.22
N VAL A 158 8.86 20.75 10.21
CA VAL A 158 10.28 20.46 9.97
C VAL A 158 10.77 19.45 11.00
N GLU A 159 10.50 19.65 12.31
CA GLU A 159 10.92 18.64 13.33
C GLU A 159 10.29 17.25 13.04
N GLN A 160 9.00 17.24 12.63
CA GLN A 160 8.25 16.04 12.27
C GLN A 160 8.90 15.34 11.08
N ILE A 161 9.36 16.10 10.05
CA ILE A 161 10.05 15.53 8.87
C ILE A 161 11.34 14.90 9.37
N LYS A 162 12.11 15.64 10.19
CA LYS A 162 13.34 15.17 10.80
C LYS A 162 13.11 13.91 11.66
N LYS A 163 12.29 14.03 12.73
CA LYS A 163 12.00 12.98 13.70
C LYS A 163 11.14 11.75 13.27
N ARG A 164 10.23 11.91 12.27
CA ARG A 164 9.35 10.85 11.78
C ARG A 164 9.66 10.35 10.35
N LEU A 165 10.20 11.23 9.44
CA LEU A 165 10.52 10.83 8.06
C LEU A 165 11.98 10.45 7.79
N GLY A 166 12.82 10.70 8.80
CA GLY A 166 14.24 10.32 8.85
C GLY A 166 15.22 10.89 7.84
N HIS A 167 14.77 11.78 6.95
CA HIS A 167 15.66 12.40 6.00
C HIS A 167 16.31 13.59 6.70
N THR A 168 16.96 14.47 5.96
CA THR A 168 17.50 15.62 6.65
C THR A 168 16.92 16.88 6.07
N PRO A 169 15.79 17.37 6.63
CA PRO A 169 15.20 18.62 6.10
C PRO A 169 16.09 19.83 6.34
N VAL A 170 16.18 20.75 5.36
CA VAL A 170 17.02 21.94 5.44
C VAL A 170 16.17 23.19 5.06
N PRO A 171 15.46 23.82 6.04
CA PRO A 171 14.76 25.08 5.70
C PRO A 171 15.67 26.13 5.03
N VAL A 172 15.24 26.64 3.84
CA VAL A 172 15.90 27.70 3.06
C VAL A 172 15.07 29.03 3.20
N GLN A 173 14.01 28.96 4.02
CA GLN A 173 13.07 30.04 4.34
C GLN A 173 12.61 29.91 5.79
N LEU A 174 12.09 31.01 6.34
CA LEU A 174 11.43 31.07 7.65
C LEU A 174 10.06 31.78 7.43
N ALA A 175 9.08 31.59 8.35
CA ALA A 175 7.74 32.17 8.14
C ALA A 175 7.38 33.47 8.87
N ILE A 176 6.70 34.38 8.15
CA ILE A 176 6.25 35.69 8.67
C ILE A 176 4.74 35.65 8.94
N GLY A 177 4.39 35.75 10.23
CA GLY A 177 3.00 35.71 10.67
C GLY A 177 2.50 34.30 10.92
N ALA A 178 1.77 34.12 12.03
CA ALA A 178 1.25 32.84 12.51
C ALA A 178 0.18 32.18 11.62
N GLU A 179 -1.10 32.59 11.78
CA GLU A 179 -2.22 32.02 11.04
C GLU A 179 -2.72 33.10 10.10
N GLU A 180 -3.67 33.92 10.59
CA GLU A 180 -4.26 35.07 9.88
C GLU A 180 -3.19 36.12 9.52
N ASN A 181 -2.11 36.13 10.32
CA ASN A 181 -0.94 37.02 10.22
C ASN A 181 0.01 36.62 9.05
N PHE A 182 -0.35 35.60 8.24
CA PHE A 182 0.52 35.17 7.16
C PHE A 182 0.72 36.12 5.95
N VAL A 183 1.90 36.78 5.92
CA VAL A 183 2.32 37.71 4.85
C VAL A 183 3.31 37.05 3.89
N GLY A 184 4.36 36.46 4.44
CA GLY A 184 5.37 35.86 3.60
C GLY A 184 6.45 35.04 4.28
N GLN A 185 7.59 34.97 3.58
CA GLN A 185 8.78 34.17 3.90
C GLN A 185 10.01 35.05 4.06
N VAL A 186 11.01 34.51 4.77
CA VAL A 186 12.30 35.16 4.94
C VAL A 186 13.28 34.30 4.14
N ASP A 187 13.79 34.80 2.99
CA ASP A 187 14.74 34.00 2.20
C ASP A 187 16.08 33.98 2.89
N LEU A 188 16.39 32.86 3.58
CA LEU A 188 17.58 32.67 4.42
C LEU A 188 18.95 32.79 3.74
N ILE A 189 18.98 32.73 2.39
CA ILE A 189 20.18 32.86 1.58
C ILE A 189 20.47 34.38 1.36
N LYS A 190 19.47 35.13 0.81
CA LYS A 190 19.54 36.58 0.55
C LYS A 190 19.42 37.42 1.83
N MET A 191 18.71 36.88 2.85
CA MET A 191 18.46 37.47 4.18
C MET A 191 17.59 38.76 4.13
N LYS A 192 16.64 38.73 3.19
CA LYS A 192 15.67 39.77 2.93
C LYS A 192 14.26 39.14 3.03
N ALA A 193 13.42 39.67 3.93
CA ALA A 193 12.05 39.19 4.13
C ALA A 193 11.18 39.42 2.89
N ILE A 194 10.60 38.35 2.32
CA ILE A 194 9.74 38.42 1.12
C ILE A 194 8.24 38.61 1.47
N TYR A 195 7.68 39.80 1.12
CA TYR A 195 6.27 40.14 1.30
C TYR A 195 5.60 40.03 -0.07
N TRP A 196 4.25 39.98 -0.15
CA TRP A 196 3.63 39.78 -1.48
C TRP A 196 2.69 40.88 -2.04
N ASN A 197 2.70 41.04 -3.39
CA ASN A 197 1.90 42.09 -4.05
C ASN A 197 0.95 41.59 -5.18
N ASP A 198 -0.35 41.97 -5.07
CA ASP A 198 -1.39 41.60 -6.03
C ASP A 198 -1.45 42.51 -7.26
N LYS A 201 -1.28 39.34 -8.57
CA LYS A 201 -1.85 38.39 -7.61
C LYS A 201 -0.78 37.46 -6.99
N GLY A 202 -0.02 38.02 -6.05
CA GLY A 202 1.04 37.33 -5.33
C GLY A 202 2.16 36.79 -6.20
N MET A 203 2.44 37.49 -7.34
CA MET A 203 3.49 37.14 -8.29
C MET A 203 4.66 38.11 -8.14
N THR A 204 4.31 39.37 -7.87
CA THR A 204 5.25 40.45 -7.66
C THR A 204 5.55 40.45 -6.17
N TYR A 205 6.85 40.42 -5.81
CA TYR A 205 7.24 40.43 -4.40
C TYR A 205 8.14 41.58 -3.98
N ARG A 206 8.11 41.90 -2.69
CA ARG A 206 8.90 42.96 -2.10
C ARG A 206 10.09 42.37 -1.33
N GLU A 207 11.31 42.63 -1.85
CA GLU A 207 12.58 42.22 -1.23
C GLU A 207 12.85 43.24 -0.10
N GLU A 208 12.08 43.15 1.00
CA GLU A 208 12.18 44.05 2.15
C GLU A 208 13.20 43.52 3.15
N GLU A 209 13.17 43.99 4.42
CA GLU A 209 14.14 43.58 5.44
C GLU A 209 13.55 42.71 6.54
N ILE A 210 14.41 41.87 7.16
CA ILE A 210 14.05 40.97 8.27
C ILE A 210 13.67 41.81 9.48
N PRO A 211 12.42 41.68 9.99
CA PRO A 211 12.02 42.43 11.19
C PRO A 211 12.74 41.88 12.43
N ALA A 212 13.24 42.79 13.29
CA ALA A 212 14.04 42.51 14.50
C ALA A 212 13.68 41.28 15.33
N GLU A 213 12.36 41.00 15.46
CA GLU A 213 11.82 39.84 16.18
C GLU A 213 12.27 38.50 15.55
N LEU A 214 12.45 38.52 14.22
CA LEU A 214 12.84 37.38 13.41
C LEU A 214 14.36 37.35 13.16
N LYS A 215 15.04 38.53 13.18
CA LYS A 215 16.50 38.67 12.99
C LYS A 215 17.32 37.65 13.81
N ASP A 216 16.99 37.50 15.11
CA ASP A 216 17.65 36.60 16.06
C ASP A 216 17.49 35.13 15.68
N LEU A 217 16.33 34.75 15.07
CA LEU A 217 16.00 33.39 14.67
C LEU A 217 16.56 33.03 13.30
N ALA A 218 16.47 33.97 12.32
CA ALA A 218 16.96 33.80 10.93
C ALA A 218 18.43 33.43 10.93
N GLU A 219 19.21 33.98 11.88
CA GLU A 219 20.63 33.71 12.09
C GLU A 219 20.83 32.23 12.35
N GLU A 220 20.13 31.73 13.39
CA GLU A 220 20.16 30.38 13.91
C GLU A 220 19.92 29.38 12.80
N TRP A 221 18.90 29.62 12.00
CA TRP A 221 18.54 28.73 10.91
C TRP A 221 19.45 28.86 9.71
N ARG A 222 19.94 30.09 9.41
CA ARG A 222 20.90 30.32 8.32
C ARG A 222 22.21 29.53 8.58
N SER A 223 22.72 29.55 9.83
CA SER A 223 23.93 28.86 10.22
C SER A 223 23.80 27.34 9.95
N SER A 224 22.61 26.79 10.26
CA SER A 224 22.28 25.37 10.06
C SER A 224 22.34 25.02 8.57
N MET A 225 21.77 25.89 7.71
CA MET A 225 21.72 25.74 6.26
C MET A 225 23.14 25.84 5.73
N VAL A 226 23.86 26.93 6.03
CA VAL A 226 25.26 27.10 5.58
C VAL A 226 26.13 25.89 5.98
N GLU A 227 25.97 25.40 7.21
CA GLU A 227 26.67 24.20 7.66
C GLU A 227 26.23 22.97 6.83
N ALA A 228 24.90 22.76 6.66
CA ALA A 228 24.39 21.61 5.88
C ALA A 228 24.91 21.65 4.43
N ALA A 229 25.06 22.88 3.86
CA ALA A 229 25.59 23.10 2.52
C ALA A 229 27.06 22.80 2.53
N ALA A 230 27.78 23.24 3.60
CA ALA A 230 29.24 23.05 3.77
C ALA A 230 29.67 21.59 3.71
N GLU A 231 28.90 20.68 4.31
CA GLU A 231 29.27 19.26 4.27
C GLU A 231 28.94 18.56 2.95
N ALA A 232 28.92 19.28 1.82
CA ALA A 232 28.63 18.67 0.51
C ALA A 232 29.89 18.05 -0.02
N ASN A 233 30.86 18.89 -0.43
CA ASN A 233 32.17 18.44 -0.87
C ASN A 233 33.21 19.05 0.09
N GLU A 234 34.41 18.44 0.14
CA GLU A 234 35.50 18.92 0.98
C GLU A 234 35.88 20.38 0.64
N GLU A 235 35.87 20.76 -0.65
CA GLU A 235 36.12 22.14 -1.08
C GLU A 235 35.35 23.12 -0.19
N LEU A 236 34.01 22.99 -0.18
CA LEU A 236 33.12 23.88 0.56
C LEU A 236 33.35 23.92 2.06
N MET A 237 33.78 22.79 2.70
CA MET A 237 34.02 22.77 4.15
C MET A 237 35.23 23.64 4.50
N ASN A 238 36.23 23.69 3.62
CA ASN A 238 37.43 24.49 3.85
C ASN A 238 37.12 25.94 3.63
N LYS A 239 36.18 26.26 2.77
CA LYS A 239 35.79 27.66 2.58
C LYS A 239 34.90 28.15 3.73
N TYR A 240 34.04 27.27 4.27
CA TYR A 240 33.16 27.59 5.39
C TYR A 240 34.05 27.77 6.60
N LEU A 241 35.02 26.86 6.80
CA LEU A 241 35.96 26.91 7.91
C LEU A 241 36.88 28.13 7.93
N GLU A 242 37.18 28.70 6.74
CA GLU A 242 37.98 29.93 6.55
C GLU A 242 37.32 31.12 7.26
N GLU A 243 36.17 31.55 6.75
CA GLU A 243 35.40 32.69 7.25
C GLU A 243 34.50 32.32 8.41
N GLY A 244 33.60 31.37 8.14
CA GLY A 244 32.54 30.94 9.04
C GLY A 244 31.28 31.12 8.25
N GLU A 245 31.46 31.28 6.90
CA GLU A 245 30.40 31.45 5.91
C GLU A 245 30.82 31.03 4.51
N LEU A 246 29.86 31.09 3.57
CA LEU A 246 29.95 30.72 2.15
C LEU A 246 29.08 31.69 1.35
N SER A 247 29.33 31.81 0.06
CA SER A 247 28.56 32.70 -0.78
C SER A 247 27.23 32.06 -1.09
N GLU A 248 26.21 32.88 -1.43
CA GLU A 248 24.87 32.42 -1.80
C GLU A 248 24.96 31.32 -2.88
N ALA A 249 25.88 31.49 -3.86
CA ALA A 249 26.10 30.53 -4.94
C ALA A 249 26.72 29.24 -4.42
N GLU A 250 27.58 29.36 -3.39
CA GLU A 250 28.20 28.20 -2.77
C GLU A 250 27.21 27.54 -1.84
N ILE A 251 26.11 28.22 -1.51
CA ILE A 251 25.09 27.64 -0.65
C ILE A 251 24.15 26.81 -1.53
N LYS A 252 23.71 27.38 -2.66
CA LYS A 252 22.86 26.64 -3.58
C LYS A 252 23.62 25.45 -4.19
N GLU A 253 24.96 25.49 -4.14
CA GLU A 253 25.84 24.44 -4.64
C GLU A 253 25.79 23.25 -3.69
N GLY A 254 25.95 23.52 -2.40
CA GLY A 254 25.96 22.49 -1.36
C GLY A 254 24.60 21.84 -1.18
N LEU A 255 23.58 22.69 -1.10
CA LEU A 255 22.20 22.25 -0.94
C LEU A 255 21.75 21.44 -2.16
N ARG A 256 22.17 21.83 -3.38
CA ARG A 256 21.82 21.07 -4.58
C ARG A 256 22.52 19.71 -4.63
N LEU A 257 23.78 19.62 -4.16
CA LEU A 257 24.52 18.37 -4.22
C LEU A 257 23.94 17.28 -3.37
N ARG A 258 23.50 17.64 -2.16
CA ARG A 258 22.98 16.75 -1.13
C ARG A 258 21.51 16.49 -1.35
N THR A 259 20.86 17.34 -2.19
CA THR A 259 19.47 17.16 -2.56
C THR A 259 19.44 15.96 -3.46
N LEU A 260 20.32 15.97 -4.48
CA LEU A 260 20.51 14.92 -5.48
C LEU A 260 21.07 13.65 -4.83
N ALA A 261 22.03 13.80 -3.93
CA ALA A 261 22.61 12.73 -3.14
C ALA A 261 21.57 12.08 -2.23
N CYS A 262 20.34 12.66 -2.20
CA CYS A 262 19.21 12.27 -1.35
C CYS A 262 19.59 12.28 0.14
N GLU A 263 20.35 13.29 0.57
CA GLU A 263 20.79 13.42 1.95
C GLU A 263 20.05 14.51 2.66
N ILE A 264 19.50 15.49 1.91
CA ILE A 264 18.73 16.59 2.48
C ILE A 264 17.47 16.89 1.67
N VAL A 265 16.46 17.52 2.32
CA VAL A 265 15.24 18.02 1.67
C VAL A 265 15.11 19.54 1.91
N PRO A 266 15.46 20.41 0.93
CA PRO A 266 15.28 21.87 1.16
C PRO A 266 13.81 22.21 1.46
N ALA A 267 13.52 22.89 2.57
CA ALA A 267 12.12 23.24 2.92
C ALA A 267 11.77 24.70 2.62
N VAL A 268 10.53 24.91 2.21
CA VAL A 268 9.92 26.20 1.87
C VAL A 268 8.47 26.16 2.36
N CYS A 269 7.94 27.30 2.80
CA CYS A 269 6.55 27.40 3.27
C CYS A 269 5.78 28.38 2.41
N GLY A 270 4.45 28.39 2.57
CA GLY A 270 3.55 29.32 1.90
C GLY A 270 2.08 29.08 2.14
N SER A 271 1.27 29.67 1.26
CA SER A 271 -0.19 29.55 1.17
C SER A 271 -0.60 29.68 -0.30
N SER A 272 -0.76 28.51 -0.99
CA SER A 272 -1.10 28.44 -2.41
C SER A 272 -2.34 29.20 -2.76
N PHE A 273 -3.45 29.00 -1.99
CA PHE A 273 -4.76 29.63 -2.18
C PHE A 273 -4.70 31.15 -1.97
N LYS A 274 -4.00 31.58 -0.90
CA LYS A 274 -3.76 32.99 -0.59
C LYS A 274 -2.54 33.54 -1.38
N ASN A 275 -2.11 32.84 -2.47
CA ASN A 275 -1.08 33.20 -3.47
C ASN A 275 0.37 33.49 -3.00
N LYS A 276 0.54 33.67 -1.72
CA LYS A 276 1.79 34.06 -1.14
C LYS A 276 2.90 32.98 -1.02
N GLY A 277 3.70 32.80 -2.08
CA GLY A 277 4.84 31.87 -2.01
C GLY A 277 5.16 30.89 -3.12
N VAL A 278 4.19 30.60 -4.00
CA VAL A 278 4.33 29.62 -5.09
C VAL A 278 5.49 29.88 -6.10
N PRO A 279 5.88 31.13 -6.45
CA PRO A 279 6.98 31.30 -7.42
C PRO A 279 8.33 30.81 -6.87
N LEU A 280 8.65 31.14 -5.60
CA LEU A 280 9.87 30.71 -4.89
C LEU A 280 10.06 29.17 -4.85
N VAL A 281 8.93 28.43 -4.83
CA VAL A 281 8.85 26.97 -4.80
C VAL A 281 9.31 26.51 -6.13
N LEU A 282 8.74 27.11 -7.19
CA LEU A 282 9.11 26.79 -8.56
C LEU A 282 10.60 27.07 -8.76
N ASP A 283 11.16 28.11 -8.10
CA ASP A 283 12.59 28.42 -8.15
C ASP A 283 13.37 27.29 -7.51
N ALA A 284 12.98 26.84 -6.30
CA ALA A 284 13.63 25.73 -5.59
C ALA A 284 13.69 24.44 -6.44
N VAL A 285 12.69 24.25 -7.32
CA VAL A 285 12.57 23.15 -8.29
C VAL A 285 13.78 23.31 -9.23
N ILE A 286 13.98 24.55 -9.71
CA ILE A 286 15.08 24.94 -10.61
C ILE A 286 16.40 24.76 -9.87
N ASP A 287 16.48 25.26 -8.62
CA ASP A 287 17.67 25.23 -7.79
C ASP A 287 18.11 23.86 -7.28
N TYR A 288 17.18 23.10 -6.71
CA TYR A 288 17.51 21.84 -6.04
C TYR A 288 17.07 20.53 -6.70
N LEU A 289 16.06 20.57 -7.56
CA LEU A 289 15.65 19.33 -8.18
C LEU A 289 16.50 18.92 -9.38
N PRO A 290 16.63 17.61 -9.71
CA PRO A 290 17.48 17.21 -10.84
C PRO A 290 16.86 17.29 -12.23
N ALA A 291 17.73 17.27 -13.24
CA ALA A 291 17.38 17.17 -14.65
C ALA A 291 17.51 15.64 -14.99
N PRO A 292 16.94 15.12 -16.10
CA PRO A 292 16.96 13.65 -16.32
C PRO A 292 18.29 12.91 -16.24
N THR A 293 19.39 13.64 -16.38
CA THR A 293 20.77 13.15 -16.37
C THR A 293 21.33 12.98 -14.95
N GLU A 294 20.78 13.75 -14.00
CA GLU A 294 21.23 13.81 -12.62
C GLU A 294 20.58 12.80 -11.70
N ILE A 295 20.04 11.71 -12.28
CA ILE A 295 19.41 10.58 -11.58
C ILE A 295 19.89 9.26 -12.20
N PRO A 296 19.92 8.13 -11.44
CA PRO A 296 20.41 6.87 -11.99
C PRO A 296 19.55 6.32 -13.12
N ALA A 297 20.20 5.98 -14.23
CA ALA A 297 19.61 5.39 -15.44
C ALA A 297 18.60 4.30 -15.09
N ILE A 298 17.35 4.46 -15.60
CA ILE A 298 16.25 3.53 -15.38
C ILE A 298 16.72 2.15 -15.74
N LYS A 299 16.63 1.25 -14.77
CA LYS A 299 17.05 -0.14 -14.86
C LYS A 299 15.85 -1.02 -15.30
N GLY A 300 15.95 -1.58 -16.51
CA GLY A 300 14.96 -2.46 -17.14
C GLY A 300 15.41 -3.91 -17.26
N VAL A 301 14.69 -4.71 -18.07
CA VAL A 301 14.99 -6.14 -18.27
C VAL A 301 15.03 -6.53 -19.76
N SER A 302 15.91 -7.51 -20.11
CA SER A 302 16.07 -8.05 -21.47
C SER A 302 14.76 -8.78 -21.92
N PRO A 303 14.01 -8.26 -22.93
CA PRO A 303 12.74 -8.92 -23.31
C PRO A 303 12.85 -10.39 -23.69
N ASP A 304 13.92 -10.77 -24.43
CA ASP A 304 14.19 -12.15 -24.86
C ASP A 304 14.98 -12.91 -23.80
N GLU A 306 14.26 -11.78 -19.38
CA GLU A 306 13.93 -11.20 -18.07
C GLU A 306 14.91 -11.59 -16.95
N THR A 307 15.74 -12.63 -17.19
CA THR A 307 16.77 -13.13 -16.26
C THR A 307 17.99 -12.19 -16.25
N VAL A 308 18.03 -11.23 -17.20
CA VAL A 308 19.09 -10.22 -17.42
C VAL A 308 18.53 -8.81 -17.26
N GLU A 309 19.36 -7.91 -16.70
CA GLU A 309 19.01 -6.50 -16.50
C GLU A 309 19.94 -5.62 -17.30
N ASP A 310 19.36 -4.88 -18.23
CA ASP A 310 20.04 -3.87 -19.04
C ASP A 310 19.54 -2.50 -18.49
N GLU A 311 20.15 -1.36 -18.89
CA GLU A 311 19.71 -0.02 -18.44
C GLU A 311 19.85 1.08 -19.49
N ARG A 312 19.02 2.13 -19.40
CA ARG A 312 19.06 3.23 -20.37
C ARG A 312 19.35 4.61 -19.74
N HIS A 313 20.49 5.20 -20.14
CA HIS A 313 20.93 6.51 -19.69
C HIS A 313 20.16 7.56 -20.46
N ALA A 314 19.74 8.65 -19.77
CA ALA A 314 18.99 9.78 -20.36
C ALA A 314 19.81 10.48 -21.45
N ASP A 315 19.93 9.78 -22.60
CA ASP A 315 20.70 10.15 -23.77
C ASP A 315 19.89 9.91 -25.04
N ASP A 316 19.92 10.89 -25.97
CA ASP A 316 19.25 10.80 -27.27
C ASP A 316 19.86 9.67 -28.12
N ASN A 317 21.19 9.48 -28.00
CA ASN A 317 21.94 8.46 -28.73
C ASN A 317 21.77 7.04 -28.19
N GLU A 318 21.26 6.92 -26.95
CA GLU A 318 20.95 5.63 -26.34
C GLU A 318 19.68 5.10 -27.07
N PRO A 319 19.55 3.78 -27.37
CA PRO A 319 18.33 3.30 -28.06
C PRO A 319 17.06 3.80 -27.37
N PHE A 320 16.02 4.19 -28.15
CA PHE A 320 14.76 4.69 -27.58
C PHE A 320 14.10 3.69 -26.58
N SER A 321 13.59 4.26 -25.46
CA SER A 321 12.90 3.63 -24.32
C SER A 321 12.14 4.65 -23.54
N SER A 322 10.88 4.31 -23.24
CA SER A 322 9.93 5.15 -22.52
C SER A 322 8.89 4.26 -21.86
N LEU A 323 8.07 4.85 -20.98
CA LEU A 323 6.94 4.15 -20.37
C LEU A 323 5.69 5.01 -20.47
N ALA A 324 4.52 4.36 -20.68
CA ALA A 324 3.20 5.00 -20.80
C ALA A 324 2.54 5.05 -19.41
N PHE A 325 2.21 6.27 -18.97
CA PHE A 325 1.72 6.48 -17.62
C PHE A 325 0.24 6.79 -17.43
N LYS A 326 -0.40 7.40 -18.43
CA LYS A 326 -1.84 7.72 -18.37
C LYS A 326 -2.47 7.64 -19.75
N ILE A 327 -3.42 6.70 -19.93
CA ILE A 327 -4.19 6.54 -21.16
C ILE A 327 -5.49 7.30 -20.94
N ALA A 328 -5.53 8.58 -21.30
CA ALA A 328 -6.71 9.43 -21.19
C ALA A 328 -7.48 9.34 -22.53
N THR A 329 -8.60 10.12 -22.70
CA THR A 329 -9.38 10.14 -23.95
C THR A 329 -10.16 11.44 -24.05
N ASP A 330 -9.92 12.23 -25.13
CA ASP A 330 -10.70 13.46 -25.42
C ASP A 330 -11.75 13.10 -26.47
N PRO A 331 -13.01 13.59 -26.32
CA PRO A 331 -14.05 13.22 -27.30
C PRO A 331 -13.73 13.46 -28.78
N PHE A 332 -13.38 14.72 -29.14
CA PHE A 332 -13.07 15.12 -30.52
C PHE A 332 -11.74 14.54 -31.04
N VAL A 333 -10.63 14.82 -30.32
CA VAL A 333 -9.23 14.46 -30.62
C VAL A 333 -8.94 12.93 -30.65
N GLY A 334 -9.48 12.19 -29.68
CA GLY A 334 -9.32 10.74 -29.56
C GLY A 334 -8.68 10.25 -28.28
N THR A 335 -8.00 9.09 -28.36
CA THR A 335 -7.33 8.42 -27.24
C THR A 335 -5.92 8.94 -27.03
N LEU A 336 -5.72 9.69 -25.92
CA LEU A 336 -4.41 10.19 -25.54
C LEU A 336 -3.67 9.08 -24.83
N THR A 337 -2.35 9.13 -24.87
CA THR A 337 -1.46 8.19 -24.17
C THR A 337 -0.25 9.01 -23.69
N PHE A 338 -0.22 9.25 -22.38
CA PHE A 338 0.84 10.00 -21.77
C PHE A 338 2.07 9.15 -21.62
N ALA A 339 3.14 9.62 -22.28
CA ALA A 339 4.42 8.93 -22.36
C ALA A 339 5.65 9.77 -21.93
N ARG A 340 6.33 9.29 -20.88
CA ARG A 340 7.58 9.87 -20.39
C ARG A 340 8.68 9.12 -21.11
N VAL A 341 9.55 9.88 -21.83
CA VAL A 341 10.67 9.31 -22.58
C VAL A 341 11.88 9.25 -21.68
N TYR A 342 12.52 8.10 -21.61
CA TYR A 342 13.68 7.97 -20.78
C TYR A 342 14.96 8.17 -21.56
N SER A 343 15.12 7.40 -22.65
CA SER A 343 16.29 7.42 -23.53
C SER A 343 15.89 7.51 -24.99
N GLY A 344 16.69 8.23 -25.79
CA GLY A 344 16.51 8.41 -27.24
C GLY A 344 15.52 9.48 -27.66
N VAL A 345 15.24 9.52 -28.98
CA VAL A 345 14.22 10.39 -29.57
C VAL A 345 13.22 9.58 -30.39
N LEU A 346 11.96 10.03 -30.36
CA LEU A 346 10.82 9.45 -31.05
C LEU A 346 10.15 10.57 -31.84
N SER A 347 9.91 10.31 -33.14
CA SER A 347 9.27 11.26 -34.07
C SER A 347 7.96 10.70 -34.65
N SER A 348 7.01 11.60 -34.96
CA SER A 348 5.71 11.28 -35.55
C SER A 348 5.97 10.50 -36.87
N GLY A 349 5.52 9.23 -36.91
CA GLY A 349 5.68 8.34 -38.05
C GLY A 349 6.48 7.09 -37.76
N ASP A 350 7.16 7.09 -36.61
CA ASP A 350 8.02 6.00 -36.15
C ASP A 350 7.27 4.71 -35.88
N SER A 351 7.97 3.57 -35.98
CA SER A 351 7.43 2.24 -35.70
C SER A 351 8.31 1.65 -34.61
N VAL A 352 7.71 1.43 -33.42
CA VAL A 352 8.36 0.96 -32.19
C VAL A 352 7.91 -0.44 -31.78
N LEU A 353 8.26 -0.86 -30.55
CA LEU A 353 7.87 -2.14 -29.96
C LEU A 353 7.19 -1.87 -28.60
N ASN A 354 6.07 -2.60 -28.31
CA ASN A 354 5.32 -2.58 -27.04
C ASN A 354 5.81 -3.82 -26.24
N SER A 355 7.13 -3.87 -25.97
CA SER A 355 7.92 -4.93 -25.31
C SER A 355 7.24 -5.84 -24.30
N VAL A 356 6.20 -5.32 -23.60
CA VAL A 356 5.35 -5.99 -22.60
C VAL A 356 4.62 -7.17 -23.30
N LYS A 357 3.82 -6.82 -24.33
CA LYS A 357 3.03 -7.73 -25.17
C LYS A 357 3.97 -8.50 -26.14
N GLY A 358 4.40 -7.80 -27.19
CA GLY A 358 5.27 -8.28 -28.26
C GLY A 358 4.93 -7.58 -29.56
N LYS A 359 3.73 -6.98 -29.58
CA LYS A 359 3.10 -6.27 -30.70
C LYS A 359 3.87 -4.99 -31.06
N LYS A 360 4.00 -4.69 -32.40
CA LYS A 360 4.70 -3.51 -32.94
C LYS A 360 3.70 -2.45 -33.35
N GLU A 361 3.76 -1.29 -32.70
CA GLU A 361 2.83 -0.18 -32.93
C GLU A 361 3.50 0.91 -33.74
N ARG A 362 2.72 1.66 -34.48
CA ARG A 362 3.28 2.75 -35.27
C ARG A 362 2.82 4.07 -34.65
N VAL A 363 3.79 4.94 -34.35
CA VAL A 363 3.54 6.22 -33.67
C VAL A 363 2.89 7.22 -34.59
N GLY A 364 1.73 7.70 -34.17
CA GLY A 364 0.97 8.69 -34.93
C GLY A 364 1.24 10.08 -34.43
N ARG A 365 0.26 10.98 -34.61
CA ARG A 365 0.27 12.37 -34.15
C ARG A 365 0.68 12.41 -32.67
N MET A 366 1.44 13.47 -32.30
CA MET A 366 1.91 13.70 -30.94
C MET A 366 1.65 15.15 -30.52
N VAL A 367 1.36 15.35 -29.24
CA VAL A 367 1.12 16.66 -28.63
C VAL A 367 1.86 16.75 -27.28
N GLN A 368 1.67 17.88 -26.58
CA GLN A 368 2.22 18.17 -25.25
C GLN A 368 1.24 19.08 -24.57
N MET A 369 0.59 18.59 -23.51
CA MET A 369 -0.41 19.39 -22.79
C MET A 369 0.19 20.58 -22.08
N HIS A 370 -0.24 21.76 -22.47
CA HIS A 370 0.19 22.99 -21.84
C HIS A 370 -0.83 23.36 -20.79
N ALA A 371 -0.69 24.56 -20.18
CA ALA A 371 -1.59 25.09 -19.15
C ALA A 371 -3.06 25.10 -19.61
N ASN A 372 -3.31 25.63 -20.83
CA ASN A 372 -4.64 25.68 -21.43
C ASN A 372 -4.67 25.14 -22.87
N GLN A 373 -3.68 25.52 -23.70
CA GLN A 373 -3.54 25.00 -25.07
C GLN A 373 -3.08 23.51 -25.12
N ARG A 374 -3.23 22.84 -26.26
CA ARG A 374 -2.91 21.42 -26.47
C ARG A 374 -1.66 21.20 -27.36
N GLU A 375 -0.88 22.28 -27.65
CA GLU A 375 0.35 22.33 -28.50
C GLU A 375 0.83 21.04 -29.22
N GLU A 376 0.64 21.00 -30.58
CA GLU A 376 0.98 19.88 -31.48
C GLU A 376 2.51 19.73 -31.73
N ILE A 377 3.10 18.59 -31.29
CA ILE A 377 4.54 18.31 -31.47
C ILE A 377 4.86 17.37 -32.66
N LYS A 378 6.17 17.22 -33.02
CA LYS A 378 6.64 16.38 -34.14
C LYS A 378 7.56 15.26 -33.65
N GLU A 379 8.48 15.58 -32.72
CA GLU A 379 9.40 14.62 -32.12
C GLU A 379 9.55 14.86 -30.63
N VAL A 380 9.81 13.78 -29.89
CA VAL A 380 10.00 13.83 -28.44
C VAL A 380 11.29 13.12 -27.98
N ARG A 381 12.19 13.94 -27.40
CA ARG A 381 13.53 13.57 -26.95
C ARG A 381 13.52 12.90 -25.59
N ALA A 382 14.69 12.37 -25.15
CA ALA A 382 14.92 11.74 -23.83
C ALA A 382 14.56 12.69 -22.68
N GLY A 383 14.07 12.11 -21.60
CA GLY A 383 13.65 12.82 -20.38
C GLY A 383 12.53 13.83 -20.55
N ASP A 384 11.65 13.64 -21.56
CA ASP A 384 10.51 14.55 -21.81
C ASP A 384 9.18 13.78 -21.80
N ILE A 385 8.04 14.53 -21.71
CA ILE A 385 6.68 13.97 -21.69
C ILE A 385 5.81 14.46 -22.86
N ALA A 386 5.39 13.50 -23.73
CA ALA A 386 4.49 13.74 -24.87
C ALA A 386 3.34 12.74 -24.92
N ALA A 387 2.22 13.17 -25.52
CA ALA A 387 1.01 12.37 -25.62
C ALA A 387 0.85 11.81 -27.03
N LEU A 388 0.73 10.47 -27.09
CA LEU A 388 0.56 9.66 -28.30
C LEU A 388 -0.95 9.52 -28.63
N ILE A 389 -1.45 10.38 -29.59
CA ILE A 389 -2.87 10.45 -30.00
C ILE A 389 -3.22 9.26 -30.90
N GLY A 390 -4.27 8.52 -30.50
CA GLY A 390 -4.77 7.35 -31.20
C GLY A 390 -3.73 6.27 -31.37
N MET A 391 -3.76 5.26 -30.51
CA MET A 391 -2.82 4.14 -30.59
C MET A 391 -3.60 2.83 -30.42
N LYS A 392 -3.05 1.68 -30.90
CA LYS A 392 -3.70 0.36 -30.80
C LYS A 392 -3.62 -0.18 -29.36
N ASP A 393 -3.07 -1.38 -29.14
CA ASP A 393 -3.00 -1.84 -27.77
C ASP A 393 -1.77 -1.29 -27.03
N VAL A 394 -2.01 -0.29 -26.16
CA VAL A 394 -1.03 0.38 -25.31
C VAL A 394 -1.68 0.50 -23.94
N THR A 395 -1.41 -0.48 -23.04
CA THR A 395 -1.92 -0.53 -21.66
C THR A 395 -1.07 0.41 -20.75
N THR A 396 -1.53 0.71 -19.51
CA THR A 396 -0.77 1.52 -18.57
C THR A 396 0.40 0.67 -18.00
N GLY A 397 1.57 1.29 -17.87
CA GLY A 397 2.80 0.64 -17.43
C GLY A 397 3.49 -0.10 -18.54
N ASP A 398 3.13 0.24 -19.79
CA ASP A 398 3.69 -0.39 -20.98
C ASP A 398 4.97 0.28 -21.42
N THR A 399 5.99 -0.55 -21.74
CA THR A 399 7.27 -0.07 -22.23
C THR A 399 7.20 0.07 -23.76
N LEU A 400 7.53 1.26 -24.25
CA LEU A 400 7.60 1.48 -25.68
C LEU A 400 9.09 1.65 -25.96
N CYS A 401 9.69 0.70 -26.68
CA CYS A 401 11.12 0.76 -26.93
C CYS A 401 11.58 0.52 -28.37
N SER A 402 12.91 0.69 -28.58
CA SER A 402 13.65 0.50 -29.82
C SER A 402 13.48 -0.97 -30.24
N ILE A 403 13.01 -1.22 -31.50
CA ILE A 403 12.79 -2.59 -32.01
C ILE A 403 14.11 -3.34 -32.05
N GLU A 404 15.13 -2.70 -32.69
CA GLU A 404 16.49 -3.22 -32.83
C GLU A 404 17.05 -3.62 -31.46
N LYS A 405 17.17 -2.64 -30.52
CA LYS A 405 17.69 -2.81 -29.16
C LYS A 405 16.56 -2.65 -28.12
N PRO A 406 15.96 -3.78 -27.68
CA PRO A 406 14.80 -3.67 -26.76
C PRO A 406 15.06 -3.86 -25.26
N ILE A 407 14.13 -3.33 -24.43
CA ILE A 407 14.13 -3.40 -22.95
C ILE A 407 12.71 -3.21 -22.39
N ILE A 408 12.37 -3.91 -21.30
CA ILE A 408 11.06 -3.72 -20.66
C ILE A 408 11.29 -3.06 -19.30
N LEU A 409 10.69 -1.89 -19.09
CA LEU A 409 10.86 -1.16 -17.84
C LEU A 409 10.05 -1.81 -16.69
N GLU A 410 8.70 -1.68 -16.72
CA GLU A 410 7.81 -2.23 -15.70
C GLU A 410 7.66 -3.74 -15.83
N PRO A 415 1.97 -6.51 -4.63
CA PRO A 415 2.41 -6.20 -3.26
C PRO A 415 1.49 -6.82 -2.21
N GLU A 416 1.99 -7.02 -0.98
CA GLU A 416 1.22 -7.62 0.11
C GLU A 416 0.00 -6.79 0.48
N PRO A 417 -1.20 -7.41 0.59
CA PRO A 417 -2.40 -6.65 0.96
C PRO A 417 -2.37 -6.25 2.44
N VAL A 418 -3.02 -5.10 2.70
CA VAL A 418 -3.12 -4.42 3.99
C VAL A 418 -4.49 -4.73 4.66
N ILE A 419 -5.56 -4.69 3.89
CA ILE A 419 -6.88 -4.87 4.45
C ILE A 419 -7.66 -5.97 3.77
N SER A 420 -8.27 -6.89 4.57
CA SER A 420 -9.08 -8.04 4.09
C SER A 420 -10.49 -8.05 4.65
N VAL A 421 -11.49 -8.21 3.78
CA VAL A 421 -12.88 -8.34 4.24
C VAL A 421 -13.58 -9.61 3.75
N ALA A 422 -14.61 -9.99 4.53
CA ALA A 422 -15.52 -11.09 4.27
C ALA A 422 -16.60 -10.53 3.37
N VAL A 423 -16.84 -11.19 2.22
CA VAL A 423 -17.82 -10.82 1.22
C VAL A 423 -18.86 -11.97 1.04
N GLU A 424 -20.07 -11.63 0.53
CA GLU A 424 -21.21 -12.53 0.31
C GLU A 424 -22.31 -11.75 -0.44
N PRO A 425 -23.08 -12.34 -1.42
CA PRO A 425 -24.10 -11.53 -2.10
C PRO A 425 -25.36 -11.31 -1.26
N LYS A 426 -26.08 -10.19 -1.53
CA LYS A 426 -27.32 -9.80 -0.84
C LYS A 426 -28.35 -10.94 -0.81
N THR A 427 -28.40 -11.73 -1.91
CA THR A 427 -29.31 -12.86 -2.11
C THR A 427 -28.52 -14.15 -2.45
N LYS A 428 -28.49 -15.13 -1.50
CA LYS A 428 -27.79 -16.42 -1.56
C LYS A 428 -27.66 -17.07 -2.95
N ALA A 429 -28.64 -16.81 -3.84
CA ALA A 429 -28.71 -17.32 -5.21
C ALA A 429 -27.51 -16.91 -6.07
N ASP A 430 -27.09 -15.62 -5.94
CA ASP A 430 -26.01 -14.97 -6.69
C ASP A 430 -24.63 -15.69 -6.65
N GLN A 431 -24.23 -16.18 -5.44
CA GLN A 431 -22.98 -16.89 -5.08
C GLN A 431 -21.96 -17.31 -6.19
N GLU A 432 -22.41 -18.02 -7.26
CA GLU A 432 -21.54 -18.47 -8.36
C GLU A 432 -21.01 -17.30 -9.20
N LYS A 433 -21.90 -16.31 -9.50
CA LYS A 433 -21.56 -15.13 -10.30
C LYS A 433 -20.80 -14.06 -9.52
N MET A 434 -20.73 -14.20 -8.17
CA MET A 434 -19.93 -13.31 -7.35
C MET A 434 -18.45 -13.69 -7.56
N GLY A 435 -18.14 -14.99 -7.47
CA GLY A 435 -16.81 -15.56 -7.66
C GLY A 435 -16.25 -15.43 -9.06
N ILE A 436 -17.16 -15.34 -10.07
CA ILE A 436 -16.86 -15.14 -11.49
C ILE A 436 -16.24 -13.74 -11.60
N ALA A 437 -16.99 -12.72 -11.08
CA ALA A 437 -16.63 -11.30 -11.05
C ALA A 437 -15.36 -11.05 -10.25
N LEU A 438 -15.34 -11.44 -8.95
CA LEU A 438 -14.20 -11.29 -8.06
C LEU A 438 -12.93 -11.92 -8.66
N GLY A 439 -13.08 -13.11 -9.25
CA GLY A 439 -12.03 -13.85 -9.92
C GLY A 439 -11.46 -13.05 -11.08
N LYS A 440 -12.36 -12.38 -11.85
CA LYS A 440 -12.02 -11.51 -12.98
C LYS A 440 -11.38 -10.20 -12.47
N LEU A 441 -11.96 -9.59 -11.41
CA LEU A 441 -11.45 -8.34 -10.81
C LEU A 441 -10.04 -8.52 -10.23
N ALA A 442 -9.73 -9.71 -9.65
CA ALA A 442 -8.41 -10.04 -9.12
C ALA A 442 -7.40 -10.24 -10.26
N GLN A 443 -7.91 -10.61 -11.46
CA GLN A 443 -7.12 -10.81 -12.68
C GLN A 443 -6.86 -9.45 -13.36
N GLU A 444 -7.87 -8.54 -13.31
CA GLU A 444 -7.79 -7.15 -13.80
C GLU A 444 -6.84 -6.38 -12.86
N ASP A 445 -7.13 -6.37 -11.53
CA ASP A 445 -6.34 -5.69 -10.50
C ASP A 445 -5.38 -6.65 -9.78
N PRO A 446 -4.06 -6.62 -10.07
CA PRO A 446 -3.11 -7.52 -9.36
C PRO A 446 -2.92 -7.15 -7.87
N SER A 447 -3.25 -5.89 -7.51
CA SER A 447 -3.21 -5.33 -6.16
C SER A 447 -4.46 -5.76 -5.32
N PHE A 448 -5.34 -6.58 -5.94
CA PHE A 448 -6.55 -7.15 -5.36
C PHE A 448 -6.44 -8.67 -5.30
N ARG A 449 -6.85 -9.25 -4.14
CA ARG A 449 -6.79 -10.68 -3.92
C ARG A 449 -8.12 -11.29 -3.43
N VAL A 450 -8.45 -12.50 -3.92
CA VAL A 450 -9.63 -13.32 -3.59
C VAL A 450 -9.21 -14.76 -3.12
N LYS A 451 -9.80 -15.23 -2.01
CA LYS A 451 -9.58 -16.55 -1.42
C LYS A 451 -10.78 -17.00 -0.56
N THR A 452 -11.15 -18.28 -0.68
CA THR A 452 -12.26 -18.90 0.05
C THR A 452 -11.81 -19.86 1.17
N ASP A 453 -12.47 -19.77 2.32
CA ASP A 453 -12.27 -20.72 3.41
C ASP A 453 -13.58 -21.52 3.45
N GLU A 454 -13.49 -22.78 3.05
CA GLU A 454 -14.66 -23.65 2.97
C GLU A 454 -15.23 -24.06 4.33
N GLU A 455 -14.36 -24.48 5.29
CA GLU A 455 -14.78 -24.89 6.64
C GLU A 455 -15.64 -23.84 7.35
N SER A 456 -15.48 -22.53 6.95
CA SER A 456 -16.21 -21.42 7.55
C SER A 456 -17.22 -20.80 6.63
N GLY A 457 -17.26 -21.28 5.38
CA GLY A 457 -18.14 -20.78 4.34
C GLY A 457 -18.00 -19.29 4.16
N GLN A 458 -16.73 -18.84 3.97
CA GLN A 458 -16.32 -17.45 3.84
C GLN A 458 -15.48 -17.24 2.59
N THR A 459 -15.74 -16.13 1.89
CA THR A 459 -14.95 -15.65 0.77
C THR A 459 -14.21 -14.44 1.37
N ILE A 460 -12.85 -14.37 1.23
CA ILE A 460 -12.05 -13.27 1.76
C ILE A 460 -11.41 -12.42 0.66
N ILE A 461 -11.96 -11.23 0.46
CA ILE A 461 -11.41 -10.31 -0.52
C ILE A 461 -10.57 -9.32 0.20
N SER A 462 -9.36 -9.10 -0.34
CA SER A 462 -8.32 -8.27 0.27
C SER A 462 -7.65 -7.27 -0.70
N GLY A 463 -6.93 -6.29 -0.14
CA GLY A 463 -6.20 -5.27 -0.88
C GLY A 463 -5.47 -4.22 -0.04
N MET A 464 -5.36 -3.01 -0.60
CA MET A 464 -4.60 -1.90 -0.07
C MET A 464 -5.33 -0.88 0.82
N GLY A 465 -6.61 -0.68 0.59
CA GLY A 465 -7.37 0.26 1.39
C GLY A 465 -8.82 -0.12 1.53
N GLU A 466 -9.45 0.44 2.59
CA GLU A 466 -10.88 0.30 2.82
C GLU A 466 -11.48 0.82 1.52
N LEU A 467 -10.97 2.00 1.08
CA LEU A 467 -11.32 2.70 -0.14
C LEU A 467 -11.20 1.76 -1.34
N HIS A 468 -9.98 1.26 -1.64
CA HIS A 468 -9.71 0.29 -2.72
C HIS A 468 -10.84 -0.80 -2.84
N LEU A 469 -11.26 -1.40 -1.69
CA LEU A 469 -12.30 -2.44 -1.65
C LEU A 469 -13.71 -1.91 -1.79
N ASP A 470 -13.97 -0.72 -1.22
CA ASP A 470 -15.29 -0.07 -1.33
C ASP A 470 -15.56 0.16 -2.83
N ILE A 471 -14.51 0.60 -3.57
CA ILE A 471 -14.49 0.81 -5.02
C ILE A 471 -14.72 -0.49 -5.79
N ILE A 472 -13.99 -1.59 -5.44
CA ILE A 472 -14.09 -2.90 -6.10
C ILE A 472 -15.48 -3.53 -5.99
N VAL A 473 -16.06 -3.51 -4.77
CA VAL A 473 -17.40 -4.02 -4.50
C VAL A 473 -18.35 -3.18 -5.35
N ASP A 474 -18.24 -1.82 -5.26
CA ASP A 474 -19.07 -0.88 -6.04
C ASP A 474 -19.04 -1.25 -7.54
N ARG A 475 -17.85 -1.54 -8.10
CA ARG A 475 -17.65 -1.97 -9.49
C ARG A 475 -18.32 -3.30 -9.75
N MET A 476 -18.39 -4.20 -8.73
CA MET A 476 -19.06 -5.50 -8.88
C MET A 476 -20.58 -5.30 -8.85
N LYS A 477 -21.08 -4.38 -8.00
CA LYS A 477 -22.50 -4.02 -7.87
C LYS A 477 -23.05 -3.43 -9.18
N ARG A 478 -22.25 -2.59 -9.87
CA ARG A 478 -22.61 -1.96 -11.15
C ARG A 478 -22.13 -2.84 -12.32
N GLU A 479 -20.93 -2.56 -12.89
CA GLU A 479 -20.27 -3.24 -14.02
C GLU A 479 -20.30 -4.82 -14.05
N PHE A 480 -20.73 -5.48 -12.95
CA PHE A 480 -20.83 -6.94 -12.86
C PHE A 480 -22.18 -7.49 -12.36
N GLY A 481 -23.00 -6.63 -11.76
CA GLY A 481 -24.36 -6.95 -11.32
C GLY A 481 -24.57 -7.55 -9.93
N VAL A 482 -23.57 -8.25 -9.41
CA VAL A 482 -23.67 -8.92 -8.11
C VAL A 482 -23.63 -7.95 -6.92
N GLU A 483 -24.79 -7.71 -6.30
CA GLU A 483 -24.82 -6.86 -5.12
C GLU A 483 -24.32 -7.73 -3.97
N ALA A 484 -23.35 -7.20 -3.20
CA ALA A 484 -22.73 -7.91 -2.10
C ALA A 484 -22.61 -7.06 -0.85
N ASN A 485 -22.82 -7.70 0.31
CA ASN A 485 -22.67 -7.06 1.62
C ASN A 485 -21.37 -7.55 2.28
N ILE A 486 -20.52 -6.59 2.68
CA ILE A 486 -19.21 -6.87 3.25
C ILE A 486 -19.16 -6.73 4.76
N GLY A 487 -18.41 -7.63 5.39
CA GLY A 487 -18.22 -7.67 6.83
C GLY A 487 -16.79 -7.96 7.24
N LYS A 488 -16.52 -7.85 8.53
CA LYS A 488 -15.21 -8.12 9.11
C LYS A 488 -15.00 -9.64 9.06
N PRO A 489 -13.83 -10.13 8.63
CA PRO A 489 -13.63 -11.58 8.55
C PRO A 489 -13.88 -12.26 9.90
N GLN A 490 -14.57 -13.41 9.87
CA GLN A 490 -14.86 -14.16 11.08
C GLN A 490 -13.75 -15.19 11.35
N VAL A 491 -13.38 -15.32 12.63
CA VAL A 491 -12.33 -16.27 13.01
C VAL A 491 -12.86 -17.70 12.87
N ALA A 492 -12.17 -18.50 12.05
CA ALA A 492 -12.51 -19.91 11.82
C ALA A 492 -12.03 -20.76 12.98
N TYR A 493 -12.78 -20.72 14.11
CA TYR A 493 -12.46 -21.52 15.30
C TYR A 493 -12.66 -23.02 14.99
N ARG A 494 -11.86 -23.87 15.60
CA ARG A 494 -12.00 -25.31 15.45
C ARG A 494 -12.21 -25.98 16.84
N GLU A 495 -12.54 -27.29 16.89
CA GLU A 495 -12.82 -27.97 18.16
C GLU A 495 -12.02 -29.25 18.36
N THR A 496 -11.79 -29.63 19.64
CA THR A 496 -11.03 -30.83 19.99
C THR A 496 -11.48 -31.44 21.31
N ILE A 497 -11.18 -32.73 21.47
CA ILE A 497 -11.43 -33.47 22.70
C ILE A 497 -10.07 -33.77 23.36
N THR A 498 -10.09 -34.03 24.67
CA THR A 498 -8.88 -34.28 25.46
C THR A 498 -8.92 -35.68 26.07
N LYS A 499 -10.04 -36.07 26.72
CA LYS A 499 -10.26 -37.38 27.31
C LYS A 499 -10.26 -38.42 26.20
N ASP A 500 -9.33 -39.38 26.29
CA ASP A 500 -9.15 -40.48 25.35
C ASP A 500 -9.92 -41.70 25.87
N ASN A 501 -10.28 -42.66 24.98
CA ASN A 501 -11.03 -43.89 25.30
C ASN A 501 -12.35 -43.65 26.08
N VAL A 502 -13.23 -42.83 25.49
CA VAL A 502 -14.54 -42.49 26.07
C VAL A 502 -15.62 -43.23 25.28
N GLU A 503 -16.26 -44.20 25.95
CA GLU A 503 -17.28 -45.06 25.35
C GLU A 503 -18.68 -44.46 25.52
N ILE A 504 -19.24 -43.83 24.43
CA ILE A 504 -20.58 -43.22 24.45
C ILE A 504 -21.63 -44.03 23.65
N GLU A 505 -22.84 -44.15 24.24
CA GLU A 505 -24.03 -44.81 23.71
C GLU A 505 -24.95 -43.79 23.02
N GLY A 506 -25.26 -44.07 21.76
CA GLY A 506 -26.16 -43.29 20.92
C GLY A 506 -27.40 -44.10 20.69
N LYS A 507 -28.52 -43.69 21.33
CA LYS A 507 -29.82 -44.37 21.26
C LYS A 507 -30.86 -43.48 20.60
N PHE A 508 -31.24 -43.80 19.33
CA PHE A 508 -32.25 -43.05 18.57
C PHE A 508 -33.55 -43.82 18.44
N VAL A 509 -34.62 -43.29 19.05
CA VAL A 509 -35.96 -43.87 19.01
C VAL A 509 -36.98 -42.77 18.75
N ARG A 510 -37.56 -42.76 17.53
CA ARG A 510 -38.61 -41.82 17.14
C ARG A 510 -39.74 -42.60 16.48
N GLN A 511 -40.97 -42.36 16.96
CA GLN A 511 -42.19 -42.99 16.43
C GLN A 511 -42.99 -41.93 15.66
N SER A 512 -42.76 -41.85 14.34
CA SER A 512 -43.42 -40.84 13.52
C SER A 512 -43.92 -41.37 12.18
N GLY A 513 -44.66 -40.52 11.47
CA GLY A 513 -45.22 -40.76 10.15
C GLY A 513 -45.52 -42.19 9.75
N GLY A 514 -46.17 -42.94 10.65
CA GLY A 514 -46.58 -44.32 10.42
C GLY A 514 -45.47 -45.35 10.48
N ARG A 515 -44.32 -44.91 10.97
CA ARG A 515 -43.16 -45.79 11.07
C ARG A 515 -42.45 -45.62 12.38
N GLY A 516 -41.57 -46.58 12.65
CA GLY A 516 -40.67 -46.55 13.79
C GLY A 516 -39.25 -46.28 13.30
N GLN A 517 -38.47 -45.56 14.14
CA GLN A 517 -37.06 -45.26 13.87
C GLN A 517 -36.20 -45.80 14.99
N PHE A 518 -35.37 -46.80 14.67
CA PHE A 518 -34.49 -47.38 15.68
C PHE A 518 -33.00 -47.36 15.34
N GLY A 519 -32.23 -46.72 16.23
CA GLY A 519 -30.78 -46.60 16.13
C GLY A 519 -30.11 -46.78 17.48
N HIS A 520 -29.21 -47.76 17.56
CA HIS A 520 -28.52 -48.03 18.81
C HIS A 520 -27.07 -48.44 18.52
N CYS A 521 -26.14 -47.63 19.04
CA CYS A 521 -24.71 -47.86 18.94
C CYS A 521 -23.92 -47.25 20.11
N TRP A 522 -22.80 -47.89 20.45
CA TRP A 522 -21.84 -47.44 21.43
C TRP A 522 -20.56 -47.24 20.63
N ILE A 523 -19.94 -46.07 20.78
CA ILE A 523 -18.72 -45.74 20.06
C ILE A 523 -17.77 -45.26 21.12
N ARG A 524 -16.48 -45.63 21.00
CA ARG A 524 -15.42 -45.20 21.92
C ARG A 524 -14.57 -44.15 21.19
N PHE A 525 -14.57 -42.91 21.75
CA PHE A 525 -13.87 -41.76 21.19
C PHE A 525 -12.59 -41.42 21.92
N SER A 526 -11.51 -41.35 21.15
CA SER A 526 -10.19 -40.96 21.64
C SER A 526 -9.87 -39.60 21.00
N ALA A 527 -8.99 -38.82 21.65
CA ALA A 527 -8.57 -37.50 21.17
C ALA A 527 -7.78 -37.53 19.86
N ALA A 528 -7.87 -36.43 19.10
CA ALA A 528 -7.19 -36.25 17.81
C ALA A 528 -5.66 -36.20 18.01
N ASP A 529 -4.90 -36.92 17.16
CA ASP A 529 -3.44 -37.01 17.25
C ASP A 529 -2.76 -35.64 17.19
N VAL A 530 -1.75 -35.45 18.07
CA VAL A 530 -0.96 -34.21 18.17
C VAL A 530 0.54 -34.52 17.91
N ASP A 531 1.28 -33.53 17.35
CA ASP A 531 2.70 -33.57 17.02
C ASP A 531 3.55 -33.52 18.29
N LYS A 533 6.07 -30.01 17.42
CA LYS A 533 5.06 -30.19 18.46
C LYS A 533 4.09 -28.99 18.55
N GLY A 534 2.79 -29.30 18.67
CA GLY A 534 1.70 -28.34 18.74
C GLY A 534 0.63 -28.58 17.69
N ASN A 535 1.04 -29.16 16.53
CA ASN A 535 0.23 -29.48 15.34
C ASN A 535 -0.75 -30.67 15.57
N ILE A 536 -2.07 -30.44 15.35
CA ILE A 536 -3.13 -31.46 15.49
C ILE A 536 -3.45 -32.08 14.12
N THR A 537 -3.58 -33.44 14.08
CA THR A 537 -3.89 -34.26 12.90
C THR A 537 -5.33 -34.08 12.48
N GLU A 538 -5.53 -33.51 11.27
CA GLU A 538 -6.87 -33.24 10.72
C GLU A 538 -7.56 -34.46 10.17
N GLY A 539 -8.87 -34.53 10.40
CA GLY A 539 -9.77 -35.57 9.90
C GLY A 539 -10.36 -36.54 10.91
N LEU A 540 -11.22 -37.46 10.42
CA LEU A 540 -11.80 -38.53 11.23
C LEU A 540 -11.06 -39.84 10.97
N VAL A 541 -10.61 -40.48 12.06
CA VAL A 541 -9.97 -41.80 12.07
C VAL A 541 -11.03 -42.74 12.61
N PHE A 542 -11.75 -43.40 11.70
CA PHE A 542 -12.85 -44.30 12.07
C PHE A 542 -12.53 -45.78 11.96
N GLU A 543 -12.94 -46.55 12.98
CA GLU A 543 -12.78 -48.01 13.01
C GLU A 543 -14.02 -48.77 13.50
N ASN A 544 -14.17 -50.04 13.04
CA ASN A 544 -15.28 -50.95 13.38
C ASN A 544 -14.86 -52.04 14.37
N GLU A 545 -15.40 -51.98 15.60
CA GLU A 545 -15.11 -52.96 16.66
C GLU A 545 -16.35 -53.76 17.08
N VAL A 546 -17.23 -54.05 16.10
CA VAL A 546 -18.46 -54.83 16.27
C VAL A 546 -18.75 -55.66 15.00
N GLY A 548 -20.13 -58.57 19.45
CA GLY A 548 -19.38 -59.23 18.40
C GLY A 548 -19.94 -59.03 17.00
N GLY A 549 -21.28 -59.06 16.88
CA GLY A 549 -22.02 -58.88 15.63
C GLY A 549 -23.37 -58.18 15.80
N VAL A 550 -23.58 -57.55 16.99
CA VAL A 550 -24.81 -56.82 17.42
C VAL A 550 -25.30 -55.66 16.48
N VAL A 551 -24.35 -55.06 15.72
CA VAL A 551 -24.59 -53.97 14.75
C VAL A 551 -24.34 -54.54 13.34
N PRO A 552 -25.32 -54.45 12.40
CA PRO A 552 -25.11 -55.01 11.05
C PRO A 552 -24.04 -54.33 10.20
N LYS A 553 -23.55 -55.07 9.21
CA LYS A 553 -22.52 -54.75 8.22
C LYS A 553 -22.86 -53.50 7.39
N GLU A 554 -24.09 -53.46 6.87
CA GLU A 554 -24.64 -52.44 5.98
C GLU A 554 -24.98 -51.06 6.63
N TYR A 555 -25.10 -51.00 7.97
CA TYR A 555 -25.41 -49.75 8.70
C TYR A 555 -24.15 -49.00 9.16
N ILE A 556 -22.98 -49.67 9.16
CA ILE A 556 -21.67 -49.14 9.58
C ILE A 556 -21.24 -47.82 8.90
N PRO A 557 -21.32 -47.65 7.55
CA PRO A 557 -20.91 -46.37 6.94
C PRO A 557 -21.78 -45.17 7.37
N ALA A 558 -23.06 -45.46 7.68
CA ALA A 558 -24.02 -44.46 8.15
C ALA A 558 -23.60 -43.94 9.53
N ILE A 559 -22.89 -44.76 10.32
CA ILE A 559 -22.35 -44.37 11.63
C ILE A 559 -21.20 -43.37 11.41
N GLN A 560 -20.29 -43.65 10.46
CA GLN A 560 -19.18 -42.77 10.10
C GLN A 560 -19.76 -41.40 9.69
N LYS A 561 -20.74 -41.42 8.78
CA LYS A 561 -21.44 -40.23 8.29
C LYS A 561 -22.06 -39.39 9.41
N GLY A 562 -22.67 -40.04 10.39
CA GLY A 562 -23.29 -39.40 11.55
C GLY A 562 -22.30 -38.65 12.41
N ILE A 563 -21.16 -39.31 12.73
CA ILE A 563 -20.03 -38.78 13.49
C ILE A 563 -19.48 -37.60 12.71
N GLU A 564 -19.05 -37.81 11.42
CA GLU A 564 -18.53 -36.78 10.51
C GLU A 564 -19.46 -35.58 10.44
N GLU A 565 -20.76 -35.81 10.29
CA GLU A 565 -21.75 -34.76 10.24
C GLU A 565 -21.72 -33.94 11.56
N GLN A 566 -21.68 -34.64 12.71
CA GLN A 566 -21.66 -33.99 14.02
C GLN A 566 -20.38 -33.22 14.24
N MET A 567 -19.25 -33.85 13.88
CA MET A 567 -17.90 -33.29 13.92
C MET A 567 -17.89 -31.90 13.28
N LYS A 568 -18.42 -31.74 12.03
CA LYS A 568 -18.51 -30.41 11.40
C LYS A 568 -19.61 -29.50 11.96
N ASN A 569 -20.60 -30.08 12.66
CA ASN A 569 -21.66 -29.29 13.30
C ASN A 569 -21.17 -28.75 14.67
N GLY A 570 -20.08 -29.30 15.19
CA GLY A 570 -19.45 -28.86 16.44
C GLY A 570 -20.14 -29.29 17.72
N VAL A 571 -19.33 -29.82 18.66
CA VAL A 571 -19.79 -30.31 19.97
C VAL A 571 -19.90 -29.29 21.10
N VAL A 572 -19.03 -28.26 21.12
CA VAL A 572 -18.91 -27.28 22.19
C VAL A 572 -19.64 -25.99 21.92
N ALA A 573 -19.14 -25.21 20.95
CA ALA A 573 -19.68 -23.90 20.59
C ALA A 573 -20.07 -23.83 19.11
N GLY A 574 -20.19 -25.01 18.50
CA GLY A 574 -20.64 -25.17 17.12
C GLY A 574 -19.64 -24.83 16.05
N TYR A 575 -18.37 -25.22 16.25
CA TYR A 575 -17.32 -25.02 15.28
C TYR A 575 -16.74 -26.37 14.88
N PRO A 576 -16.40 -26.60 13.59
CA PRO A 576 -15.90 -27.94 13.22
C PRO A 576 -14.78 -28.49 14.10
N LEU A 577 -14.82 -29.79 14.37
CA LEU A 577 -13.76 -30.45 15.15
C LEU A 577 -12.57 -30.65 14.23
N ILE A 578 -11.34 -30.40 14.69
CA ILE A 578 -10.12 -30.56 13.88
C ILE A 578 -10.03 -31.94 13.27
N GLY A 579 -10.21 -32.92 14.15
CA GLY A 579 -10.12 -34.33 13.86
C GLY A 579 -10.61 -35.17 15.01
N LEU A 580 -10.71 -36.50 14.78
CA LEU A 580 -11.21 -37.41 15.81
C LEU A 580 -10.89 -38.85 15.53
N LYS A 581 -10.58 -39.56 16.63
CA LYS A 581 -10.39 -41.01 16.71
C LYS A 581 -11.74 -41.53 17.28
N ALA A 582 -12.47 -42.32 16.47
CA ALA A 582 -13.79 -42.86 16.81
C ALA A 582 -13.88 -44.33 16.46
N THR A 583 -14.24 -45.19 17.45
CA THR A 583 -14.37 -46.64 17.21
C THR A 583 -15.62 -47.27 17.83
N VAL A 584 -16.62 -47.58 16.97
CA VAL A 584 -17.91 -48.20 17.30
C VAL A 584 -17.67 -49.65 17.73
N PHE A 585 -18.35 -50.12 18.80
CA PHE A 585 -18.11 -51.47 19.33
C PHE A 585 -19.35 -52.29 19.81
N ASP A 586 -20.52 -51.62 20.01
CA ASP A 586 -21.76 -52.25 20.54
C ASP A 586 -23.05 -51.57 20.03
N GLY A 587 -24.22 -52.12 20.37
CA GLY A 587 -25.53 -51.60 20.00
C GLY A 587 -26.54 -52.58 19.42
N SER A 588 -27.76 -52.61 19.98
CA SER A 588 -28.86 -53.48 19.51
C SER A 588 -29.59 -52.88 18.28
N TYR A 589 -30.54 -53.64 17.67
CA TYR A 589 -31.37 -53.16 16.53
C TYR A 589 -32.69 -53.92 16.33
N HIS A 590 -33.69 -53.24 15.73
CA HIS A 590 -35.01 -53.78 15.43
C HIS A 590 -35.16 -53.78 13.90
N ASP A 591 -34.85 -54.94 13.27
CA ASP A 591 -34.90 -55.27 11.85
C ASP A 591 -35.82 -54.44 10.92
N VAL A 592 -37.00 -54.07 11.42
CA VAL A 592 -37.96 -53.29 10.64
C VAL A 592 -37.79 -51.77 10.80
N ASP A 593 -37.68 -51.30 12.05
CA ASP A 593 -37.56 -49.89 12.40
C ASP A 593 -36.12 -49.36 12.25
N SER A 594 -35.15 -50.28 12.03
CA SER A 594 -33.75 -49.95 11.83
C SER A 594 -33.42 -49.72 10.36
N ASN A 595 -32.77 -48.59 10.08
CA ASN A 595 -32.33 -48.11 8.77
C ASN A 595 -31.06 -47.26 8.91
N GLU A 596 -30.44 -46.96 7.77
CA GLU A 596 -29.21 -46.19 7.66
C GLU A 596 -29.35 -44.82 8.32
N MET A 597 -30.43 -44.08 8.02
CA MET A 597 -30.66 -42.76 8.57
C MET A 597 -30.85 -42.72 10.10
N ALA A 598 -31.46 -43.79 10.66
CA ALA A 598 -31.66 -43.93 12.12
C ALA A 598 -30.31 -44.12 12.78
N PHE A 599 -29.41 -44.83 12.07
CA PHE A 599 -28.07 -45.09 12.53
C PHE A 599 -27.19 -43.89 12.38
N LYS A 600 -27.43 -43.08 11.32
CA LYS A 600 -26.72 -41.81 11.14
C LYS A 600 -27.07 -40.94 12.34
N ILE A 601 -28.36 -40.79 12.67
CA ILE A 601 -28.82 -39.99 13.82
C ILE A 601 -28.22 -40.41 15.19
N ALA A 602 -28.30 -41.71 15.53
CA ALA A 602 -27.79 -42.24 16.81
C ALA A 602 -26.28 -42.05 16.98
N ALA A 603 -25.50 -42.10 15.86
CA ALA A 603 -24.05 -41.86 15.86
C ALA A 603 -23.78 -40.37 16.18
N SER A 604 -24.56 -39.45 15.57
CA SER A 604 -24.53 -38.00 15.79
C SER A 604 -24.96 -37.70 17.22
N MET A 605 -25.98 -38.47 17.72
CA MET A 605 -26.51 -38.38 19.08
C MET A 605 -25.39 -38.67 20.08
N ALA A 606 -24.54 -39.70 19.79
CA ALA A 606 -23.39 -40.12 20.60
C ALA A 606 -22.26 -39.11 20.53
N THR A 607 -21.89 -38.70 19.30
CA THR A 607 -20.84 -37.71 19.05
C THR A 607 -21.17 -36.39 19.71
N LYS A 608 -22.45 -35.97 19.76
CA LYS A 608 -22.86 -34.71 20.41
C LYS A 608 -22.49 -34.71 21.90
N GLN A 609 -22.76 -35.84 22.59
CA GLN A 609 -22.49 -36.06 24.02
C GLN A 609 -21.01 -35.80 24.47
N LEU A 610 -20.07 -35.65 23.50
CA LEU A 610 -18.67 -35.31 23.76
C LEU A 610 -18.59 -33.87 24.31
N ALA A 611 -19.75 -33.18 24.35
CA ALA A 611 -19.86 -31.83 24.89
C ALA A 611 -19.62 -31.80 26.40
N GLN A 612 -19.86 -32.97 27.08
CA GLN A 612 -19.74 -33.22 28.52
C GLN A 612 -18.75 -34.33 28.83
N LYS A 613 -18.90 -35.48 28.17
CA LYS A 613 -18.07 -36.66 28.39
C LYS A 613 -16.76 -36.65 27.61
N GLY A 614 -16.39 -35.54 26.97
CA GLY A 614 -15.20 -35.53 26.14
C GLY A 614 -14.02 -34.61 26.42
N GLY A 615 -14.24 -33.51 27.14
CA GLY A 615 -13.18 -32.53 27.38
C GLY A 615 -13.07 -31.65 26.15
N GLY A 616 -14.20 -31.03 25.83
CA GLY A 616 -14.39 -30.18 24.67
C GLY A 616 -13.62 -28.89 24.69
N LYS A 617 -12.44 -28.92 24.08
CA LYS A 617 -11.61 -27.73 23.98
C LYS A 617 -11.78 -27.00 22.61
N VAL A 618 -12.24 -25.71 22.65
CA VAL A 618 -12.37 -24.83 21.49
C VAL A 618 -10.95 -24.41 21.17
N LEU A 619 -10.60 -24.35 19.88
CA LEU A 619 -9.27 -23.92 19.44
C LEU A 619 -9.36 -22.64 18.63
N GLU A 620 -8.19 -22.01 18.39
CA GLU A 620 -8.08 -20.77 17.64
C GLU A 620 -6.84 -20.76 16.73
N PRO A 621 -6.89 -20.10 15.55
CA PRO A 621 -5.71 -20.08 14.67
C PRO A 621 -4.56 -19.25 15.24
N ILE A 622 -3.35 -19.82 15.16
CA ILE A 622 -2.13 -19.19 15.65
C ILE A 622 -1.23 -18.97 14.44
N MET A 623 -0.80 -17.72 14.27
CA MET A 623 0.01 -17.25 13.14
C MET A 623 1.48 -17.22 13.46
N LYS A 624 2.31 -17.42 12.43
CA LYS A 624 3.77 -17.37 12.53
C LYS A 624 4.17 -15.96 12.00
N VAL A 625 4.09 -14.94 12.87
CA VAL A 625 4.34 -13.54 12.55
C VAL A 625 5.84 -13.15 12.62
N GLU A 626 6.26 -12.21 11.75
CA GLU A 626 7.63 -11.70 11.68
C GLU A 626 7.61 -10.18 11.45
N VAL A 627 8.09 -9.43 12.47
CA VAL A 627 8.13 -7.95 12.46
C VAL A 627 9.57 -7.45 12.26
N VAL A 628 9.78 -6.62 11.23
CA VAL A 628 11.05 -5.98 10.89
C VAL A 628 10.86 -4.54 11.34
N THR A 629 11.35 -4.19 12.53
CA THR A 629 11.21 -2.86 13.10
C THR A 629 12.53 -2.10 13.28
N PRO A 630 12.56 -0.76 13.05
CA PRO A 630 13.75 0.01 13.44
C PRO A 630 13.90 0.02 14.98
N GLU A 631 15.10 0.32 15.49
CA GLU A 631 15.45 0.28 16.91
C GLU A 631 14.56 1.03 17.91
N ASP A 632 14.20 2.30 17.63
CA ASP A 632 13.38 3.13 18.52
C ASP A 632 12.04 2.50 18.84
N TYR A 633 11.37 2.11 17.78
CA TYR A 633 10.05 1.53 17.75
C TYR A 633 9.96 0.11 18.34
N MET A 634 11.10 -0.61 18.47
CA MET A 634 11.18 -1.96 19.04
C MET A 634 10.46 -2.10 20.42
N GLY A 635 10.55 -1.08 21.27
CA GLY A 635 9.92 -1.10 22.58
C GLY A 635 8.41 -1.12 22.52
N ASP A 636 7.83 -0.28 21.63
CA ASP A 636 6.39 -0.15 21.39
C ASP A 636 5.84 -1.45 20.78
N VAL A 637 6.47 -1.89 19.67
CA VAL A 637 6.11 -3.05 18.87
C VAL A 637 6.09 -4.34 19.69
N MET A 638 7.18 -4.62 20.42
CA MET A 638 7.37 -5.81 21.24
C MET A 638 6.32 -5.95 22.35
N GLY A 639 5.91 -4.81 22.92
CA GLY A 639 4.90 -4.74 23.97
C GLY A 639 3.49 -4.76 23.42
N ASP A 640 3.35 -4.46 22.12
CA ASP A 640 2.07 -4.51 21.42
C ASP A 640 1.78 -5.96 21.02
N LEU A 641 2.84 -6.78 20.81
CA LEU A 641 2.69 -8.20 20.50
C LEU A 641 2.16 -8.91 21.73
N ASN A 642 2.52 -8.41 22.92
CA ASN A 642 2.01 -8.90 24.20
C ASN A 642 0.60 -8.36 24.50
N ARG A 643 0.23 -7.23 23.86
CA ARG A 643 -1.10 -6.61 23.92
C ARG A 643 -2.02 -7.43 23.01
N ARG A 644 -1.44 -8.50 22.39
CA ARG A 644 -2.05 -9.41 21.43
C ARG A 644 -1.88 -10.91 21.81
N ARG A 645 -1.52 -11.18 23.09
CA ARG A 645 -1.33 -12.53 23.65
C ARG A 645 -0.24 -13.32 22.96
N GLY A 646 0.46 -12.66 22.04
CA GLY A 646 1.56 -13.19 21.24
C GLY A 646 2.72 -13.62 22.09
N LEU A 647 3.51 -14.58 21.59
CA LEU A 647 4.63 -15.13 22.35
C LEU A 647 5.90 -15.25 21.48
N ILE A 648 7.02 -14.66 21.97
CA ILE A 648 8.32 -14.53 21.28
C ILE A 648 9.09 -15.82 21.04
N GLN A 649 9.32 -16.11 19.74
CA GLN A 649 10.02 -17.29 19.22
C GLN A 649 11.36 -16.95 18.50
N GLY A 650 12.08 -15.93 19.00
CA GLY A 650 13.37 -15.49 18.45
C GLY A 650 13.50 -14.01 18.09
N MET A 651 14.77 -13.48 18.01
CA MET A 651 15.07 -12.08 17.68
C MET A 651 16.46 -11.81 17.09
N GLU A 652 16.53 -11.55 15.78
CA GLU A 652 17.77 -11.21 15.08
C GLU A 652 18.05 -9.70 15.16
N ASP A 653 19.23 -9.25 14.68
CA ASP A 653 19.65 -7.84 14.65
C ASP A 653 19.97 -7.48 13.20
N THR A 654 19.29 -6.45 12.68
CA THR A 654 19.41 -6.00 11.30
C THR A 654 19.86 -4.54 11.19
N VAL A 655 20.19 -4.14 9.94
CA VAL A 655 20.62 -2.82 9.49
C VAL A 655 20.14 -1.67 10.43
N SER A 656 18.83 -1.37 10.42
CA SER A 656 18.22 -0.31 11.24
C SER A 656 17.73 -0.79 12.62
N GLY A 657 17.24 -2.03 12.68
CA GLY A 657 16.73 -2.55 13.93
C GLY A 657 16.64 -4.05 14.14
N LYS A 658 15.47 -4.48 14.60
CA LYS A 658 15.15 -5.85 14.98
C LYS A 658 14.26 -6.57 14.01
N VAL A 659 14.34 -7.90 14.04
CA VAL A 659 13.45 -8.81 13.34
C VAL A 659 12.91 -9.69 14.46
N ILE A 660 11.61 -9.60 14.76
CA ILE A 660 11.03 -10.40 15.82
C ILE A 660 10.12 -11.43 15.22
N ARG A 661 10.36 -12.70 15.52
CA ARG A 661 9.51 -13.81 15.10
C ARG A 661 8.63 -14.06 16.33
N ALA A 662 7.30 -14.20 16.12
CA ALA A 662 6.34 -14.39 17.20
C ALA A 662 5.17 -15.30 16.78
N GLU A 663 4.60 -16.02 17.74
CA GLU A 663 3.46 -16.90 17.53
C GLU A 663 2.30 -16.12 18.10
N VAL A 664 1.44 -15.59 17.23
CA VAL A 664 0.36 -14.69 17.66
C VAL A 664 -1.02 -15.15 17.12
N PRO A 665 -2.07 -15.21 17.99
CA PRO A 665 -3.43 -15.56 17.49
C PRO A 665 -3.95 -14.60 16.42
N LEU A 666 -4.50 -15.13 15.31
CA LEU A 666 -5.09 -14.39 14.20
C LEU A 666 -6.17 -13.40 14.67
N GLY A 667 -6.90 -13.77 15.70
CA GLY A 667 -7.95 -12.93 16.28
C GLY A 667 -7.41 -11.59 16.73
N GLU A 668 -6.31 -11.64 17.51
CA GLU A 668 -5.58 -10.48 18.03
C GLU A 668 -4.79 -9.74 16.94
N MET A 669 -4.77 -10.27 15.70
CA MET A 669 -4.02 -9.70 14.59
C MET A 669 -4.77 -8.65 13.82
N PHE A 670 -6.00 -8.34 14.23
CA PHE A 670 -6.85 -7.36 13.55
C PHE A 670 -6.31 -5.93 13.38
N GLY A 671 -6.07 -5.59 12.10
CA GLY A 671 -5.55 -4.30 11.64
C GLY A 671 -4.06 -4.11 11.88
N TYR A 672 -3.28 -5.20 11.82
CA TYR A 672 -1.84 -5.15 12.07
C TYR A 672 -1.05 -4.21 11.15
N ALA A 673 -1.23 -4.36 9.81
CA ALA A 673 -0.58 -3.59 8.76
C ALA A 673 -0.57 -2.08 9.00
N THR A 674 -1.64 -1.59 9.65
CA THR A 674 -1.99 -0.22 10.01
C THR A 674 -1.44 0.12 11.40
N ASP A 675 -1.78 -0.67 12.44
CA ASP A 675 -1.31 -0.47 13.82
C ASP A 675 0.22 -0.44 13.88
N VAL A 676 0.87 -1.24 12.99
CA VAL A 676 2.32 -1.36 12.86
C VAL A 676 2.93 -0.17 12.08
N ARG A 677 2.25 0.29 10.99
CA ARG A 677 2.62 1.45 10.16
C ARG A 677 2.44 2.72 11.01
N SER A 678 1.65 2.62 12.11
CA SER A 678 1.39 3.68 13.09
C SER A 678 2.58 3.82 14.04
N MET A 679 2.93 2.76 14.78
CA MET A 679 4.04 2.75 15.75
C MET A 679 5.41 3.01 15.09
N SER A 680 5.71 2.33 13.97
CA SER A 680 6.97 2.47 13.27
C SER A 680 7.08 3.76 12.46
N GLN A 681 5.99 4.56 12.44
CA GLN A 681 5.88 5.81 11.71
C GLN A 681 6.11 5.53 10.21
N GLY A 682 5.49 4.44 9.76
CA GLY A 682 5.50 3.95 8.39
C GLY A 682 6.78 3.26 7.93
N ARG A 683 7.69 2.96 8.88
CA ARG A 683 9.01 2.38 8.64
C ARG A 683 9.10 0.83 8.68
N ALA A 684 8.34 0.20 9.60
CA ALA A 684 8.32 -1.27 9.75
C ALA A 684 7.55 -1.98 8.65
N SER A 685 7.80 -3.28 8.57
CA SER A 685 7.16 -4.21 7.67
C SER A 685 6.97 -5.50 8.44
N TYR A 686 5.90 -6.24 8.09
CA TYR A 686 5.57 -7.50 8.73
C TYR A 686 5.11 -8.53 7.70
N SER A 687 5.41 -9.76 8.01
CA SER A 687 5.04 -10.92 7.24
C SER A 687 4.31 -11.85 8.20
N MET A 688 3.45 -12.70 7.68
CA MET A 688 2.75 -13.68 8.49
C MET A 688 2.36 -14.86 7.64
N GLU A 689 2.07 -15.95 8.32
CA GLU A 689 1.57 -17.19 7.78
C GLU A 689 0.96 -17.96 8.94
N PHE A 690 0.03 -18.86 8.63
CA PHE A 690 -0.64 -19.70 9.61
C PHE A 690 0.39 -20.68 10.16
N SER A 691 0.42 -20.86 11.49
CA SER A 691 1.41 -21.73 12.11
C SER A 691 0.83 -22.99 12.73
N LYS A 692 -0.24 -22.86 13.55
CA LYS A 692 -0.90 -23.97 14.25
C LYS A 692 -2.28 -23.61 14.77
N TYR A 693 -2.85 -24.49 15.58
CA TYR A 693 -4.09 -24.35 16.32
C TYR A 693 -3.75 -24.60 17.78
N ALA A 694 -4.33 -23.80 18.65
CA ALA A 694 -4.09 -23.88 20.08
C ALA A 694 -5.36 -23.47 20.79
N GLU A 695 -5.48 -23.86 22.07
CA GLU A 695 -6.67 -23.57 22.85
C GLU A 695 -6.87 -22.08 22.98
N ALA A 696 -8.14 -21.66 23.00
CA ALA A 696 -8.58 -20.27 23.09
C ALA A 696 -8.89 -19.84 24.54
N PRO A 697 -8.79 -18.54 24.89
CA PRO A 697 -9.10 -18.14 26.28
C PRO A 697 -10.59 -18.17 26.64
N SER A 698 -10.88 -18.37 27.92
CA SER A 698 -12.22 -18.45 28.50
C SER A 698 -13.10 -17.22 28.27
N ASN A 699 -12.52 -16.02 28.13
CA ASN A 699 -13.34 -14.85 27.84
C ASN A 699 -13.91 -14.95 26.40
N ILE A 700 -13.10 -15.49 25.47
CA ILE A 700 -13.49 -15.76 24.09
C ILE A 700 -14.44 -16.97 24.12
N VAL A 701 -13.91 -18.18 24.52
CA VAL A 701 -14.67 -19.44 24.62
C VAL A 701 -16.07 -19.33 25.25
N GLU A 702 -16.18 -18.86 26.52
CA GLU A 702 -17.47 -18.72 27.22
C GLU A 702 -18.50 -17.87 26.45
N ALA A 703 -18.06 -16.80 25.73
CA ALA A 703 -18.94 -15.94 24.93
C ALA A 703 -19.38 -16.63 23.63
N LEU A 704 -18.56 -17.64 23.18
CA LEU A 704 -18.80 -18.47 21.98
C LEU A 704 -19.79 -19.59 22.27
N VAL A 705 -19.88 -20.03 23.56
CA VAL A 705 -20.83 -21.04 24.04
C VAL A 705 -22.16 -20.36 24.42
N LYS A 706 -22.10 -19.10 24.86
CA LYS A 706 -23.28 -18.30 25.18
C LYS A 706 -23.96 -17.91 23.86
N LYS A 707 -23.17 -17.91 22.76
CA LYS A 707 -23.63 -17.63 21.39
C LYS A 707 -24.54 -18.79 20.91
N GLN A 708 -24.41 -19.98 21.55
CA GLN A 708 -25.18 -21.21 21.29
C GLN A 708 -26.33 -21.39 22.33
N DAL B 1 -9.34 -17.64 8.84
CA DAL B 1 -10.48 -16.74 8.64
CB DAL B 1 -10.91 -16.84 7.17
C DAL B 1 -10.03 -15.33 9.01
N BB9 B 2 -9.31 -14.58 8.18
CA BB9 B 2 -8.99 -13.31 8.69
C BB9 B 2 -8.15 -12.34 7.94
O BB9 B 2 -8.05 -11.14 8.24
CB BB9 B 2 -9.42 -13.12 9.97
SG BB9 B 2 -10.32 -14.48 10.54
N TRP B 3 -7.48 -12.94 6.94
CA TRP B 3 -6.51 -12.35 6.05
C TRP B 3 -6.56 -13.03 4.66
O3 0UO B 4 -4.12 -9.81 4.30
C11 0UO B 4 -2.38 -12.67 1.41
C13 0UO B 4 -1.20 -11.78 3.13
C14 0UO B 4 -0.21 -11.42 4.06
C15 0UO B 4 -0.52 -10.52 5.09
C16 0UO B 4 -1.82 -9.99 5.17
C17 0UO B 4 -2.84 -10.33 4.23
C18 0UO B 4 -2.54 -11.27 3.18
C19 0UO B 4 -4.48 -8.94 5.37
C 0UO B 4 -5.21 -14.30 2.07
CA 0UO B 4 -5.63 -12.84 2.30
C9 0UO B 4 -4.70 -11.80 1.62
C10 0UO B 4 -3.26 -11.87 2.05
N 0UO B 4 -5.77 -12.46 3.71
O 0UO B 4 -5.54 -14.88 1.03
N6 0UO B 4 -1.16 -12.63 2.05
N GLY B 5 -4.50 -14.90 3.04
CA GLY B 5 -4.00 -16.27 3.04
C GLY B 5 -5.04 -17.33 3.39
N DBB B 6 -6.31 -16.95 3.67
CA DBB B 6 -7.45 -17.78 4.10
C DBB B 6 -7.18 -18.22 5.54
O DBB B 6 -7.84 -17.79 6.48
CB DBB B 6 -8.72 -16.89 4.03
CG DBB B 6 -9.65 -17.25 2.87
N DHA B 7 -6.14 -19.05 5.72
CA DHA B 7 -5.63 -19.60 6.89
CB DHA B 7 -4.70 -20.57 6.76
C DHA B 7 -6.07 -19.12 8.21
O DHA B 7 -5.45 -18.20 8.76
N SAR B 8 -7.21 -19.63 8.76
CA SAR B 8 -7.69 -19.10 10.05
C SAR B 8 -8.94 -18.20 10.00
O SAR B 8 -9.54 -18.03 11.06
CN SAR B 8 -8.04 -20.70 8.16
#